data_5CXX
#
_entry.id   5CXX
#
_cell.length_a   99.790
_cell.length_b   152.650
_cell.length_c   154.120
_cell.angle_alpha   90.00
_cell.angle_beta   90.00
_cell.angle_gamma   90.00
#
_symmetry.space_group_name_H-M   'I 2 2 2'
#
loop_
_entity.id
_entity.type
_entity.pdbx_description
1 polymer 'ferulic acid esterase, AmCE1/Fae1A'
2 non-polymer '3-(4-HYDROXY-3-METHOXYPHENYL)-2-PROPENOIC ACID'
3 non-polymer 'SULFATE ION'
4 non-polymer GLYCEROL
5 water water
#
_entity_poly.entity_id   1
_entity_poly.type   'polypeptide(L)'
_entity_poly.pdbx_seq_one_letter_code
;MSKLQISNTCPDKYRTKQEGVEYPTAKKITYYSKVTETERKMNVILPVGYDENKKYPVVYYLHGLMSYEDSMLEDDSTLA
IPTNLLKEGRAKEMIIVLPDVYAPKPGTAVTPDFNPEYYKGYDNFINELIEVIMPYMEEHYSILTGRENTALCGFSMGAR
TSLYIGYMRSDLIGYVGAFAPAPGITPGEDSFSGKHEGLISEDEFRAEIQPIVSLIDCGTNDSVVGQFPKSYHEILTRNN
QEHIWFEVPGADHDWNAISAGFYNFIQTTFGALNN
;
_entity_poly.pdbx_strand_id   A,B,C
#
loop_
_chem_comp.id
_chem_comp.type
_chem_comp.name
_chem_comp.formula
FER non-polymer '3-(4-HYDROXY-3-METHOXYPHENYL)-2-PROPENOIC ACID' 'C10 H10 O4'
GOL non-polymer GLYCEROL 'C3 H8 O3'
SO4 non-polymer 'SULFATE ION' 'O4 S -2'
#
# COMPACT_ATOMS: atom_id res chain seq x y z
N LYS A 3 2.53 -10.44 -26.54
CA LYS A 3 2.36 -10.85 -27.95
C LYS A 3 1.82 -9.70 -28.82
N LEU A 4 2.43 -8.55 -28.69
CA LEU A 4 1.91 -7.32 -29.22
C LEU A 4 2.12 -7.21 -30.72
N GLN A 5 1.06 -7.15 -31.51
CA GLN A 5 1.22 -6.94 -32.96
C GLN A 5 0.50 -5.66 -33.44
N ILE A 6 1.24 -4.55 -33.49
CA ILE A 6 0.63 -3.27 -33.80
C ILE A 6 0.25 -3.24 -35.27
N SER A 7 -0.97 -2.76 -35.56
CA SER A 7 -1.37 -2.62 -36.95
CA SER A 7 -1.53 -2.65 -36.90
C SER A 7 -1.65 -1.16 -37.23
N ASN A 8 -1.34 -0.77 -38.45
CA ASN A 8 -1.47 0.67 -38.73
C ASN A 8 -2.84 1.08 -39.21
N THR A 9 -3.77 0.14 -39.23
CA THR A 9 -5.19 0.47 -39.45
CA THR A 9 -5.18 0.41 -39.53
C THR A 9 -6.08 -0.42 -38.62
N CYS A 10 -7.35 0.02 -38.45
CA CYS A 10 -8.32 -0.82 -37.78
C CYS A 10 -9.13 -1.54 -38.88
N PRO A 11 -9.12 -2.86 -38.91
CA PRO A 11 -9.95 -3.57 -39.91
C PRO A 11 -11.39 -3.18 -39.77
N ASP A 12 -12.09 -3.07 -40.90
CA ASP A 12 -13.49 -2.66 -40.81
C ASP A 12 -14.30 -3.53 -39.88
N LYS A 13 -14.04 -4.82 -39.83
CA LYS A 13 -14.89 -5.65 -39.02
C LYS A 13 -14.77 -5.43 -37.50
N TYR A 14 -13.71 -4.79 -37.01
CA TYR A 14 -13.65 -4.53 -35.60
C TYR A 14 -14.29 -3.18 -35.26
N ARG A 15 -14.32 -2.22 -36.21
CA ARG A 15 -14.91 -0.92 -35.88
C ARG A 15 -16.38 -0.79 -36.27
N THR A 16 -16.94 -1.88 -36.81
CA THR A 16 -18.34 -1.96 -37.28
C THR A 16 -19.13 -2.88 -36.33
N LYS A 17 -20.37 -2.51 -36.03
CA LYS A 17 -21.26 -3.43 -35.34
C LYS A 17 -21.62 -4.59 -36.25
N GLN A 18 -21.37 -5.81 -35.76
CA GLN A 18 -21.71 -7.01 -36.53
C GLN A 18 -23.12 -7.53 -36.23
N GLU A 19 -23.81 -7.99 -37.26
CA GLU A 19 -25.19 -8.46 -37.08
C GLU A 19 -25.20 -9.64 -36.12
N GLY A 20 -26.16 -9.70 -35.20
CA GLY A 20 -26.24 -10.86 -34.29
C GLY A 20 -25.36 -10.71 -33.03
N VAL A 21 -24.55 -9.65 -32.91
CA VAL A 21 -23.72 -9.41 -31.72
C VAL A 21 -24.36 -8.30 -30.91
N GLU A 22 -24.49 -8.46 -29.60
CA GLU A 22 -24.97 -7.36 -28.73
C GLU A 22 -23.90 -6.36 -28.42
N TYR A 23 -24.24 -5.09 -28.49
CA TYR A 23 -23.31 -4.01 -28.12
C TYR A 23 -23.82 -3.25 -26.91
N PRO A 24 -22.90 -2.63 -26.14
CA PRO A 24 -23.35 -1.84 -24.99
C PRO A 24 -23.95 -0.54 -25.47
N THR A 25 -24.70 0.07 -24.57
CA THR A 25 -25.37 1.35 -24.83
CA THR A 25 -25.30 1.37 -24.88
C THR A 25 -24.83 2.42 -23.89
N ALA A 26 -24.80 3.66 -24.35
CA ALA A 26 -24.41 4.77 -23.48
C ALA A 26 -25.62 5.30 -22.72
N LYS A 27 -25.37 5.66 -21.47
CA LYS A 27 -26.36 6.36 -20.65
CA LYS A 27 -26.35 6.37 -20.65
C LYS A 27 -25.76 7.69 -20.21
N LYS A 28 -26.49 8.79 -20.44
CA LYS A 28 -25.95 10.08 -20.05
C LYS A 28 -26.27 10.41 -18.60
N ILE A 29 -25.19 10.63 -17.85
CA ILE A 29 -25.26 10.90 -16.44
C ILE A 29 -25.02 12.38 -16.15
N THR A 30 -25.86 12.98 -15.29
CA THR A 30 -25.70 14.35 -14.84
CA THR A 30 -25.64 14.36 -14.85
C THR A 30 -25.20 14.31 -13.41
N TYR A 31 -24.15 15.07 -13.10
CA TYR A 31 -23.52 14.96 -11.76
C TYR A 31 -22.94 16.33 -11.40
N TYR A 32 -22.81 16.62 -10.11
CA TYR A 32 -22.31 17.95 -9.75
C TYR A 32 -20.79 17.93 -9.59
N SER A 33 -20.13 18.94 -10.13
CA SER A 33 -18.65 19.06 -10.02
C SER A 33 -18.27 20.25 -9.13
N LYS A 34 -17.60 19.94 -8.02
CA LYS A 34 -17.00 21.01 -7.22
C LYS A 34 -15.83 21.74 -7.95
N VAL A 35 -15.31 21.14 -9.02
CA VAL A 35 -14.20 21.75 -9.74
C VAL A 35 -14.72 22.87 -10.64
N THR A 36 -15.74 22.58 -11.41
CA THR A 36 -16.38 23.65 -12.26
C THR A 36 -17.45 24.43 -11.51
N GLU A 37 -17.85 23.94 -10.35
CA GLU A 37 -19.00 24.46 -9.56
C GLU A 37 -20.27 24.48 -10.40
N THR A 38 -20.45 23.45 -11.22
CA THR A 38 -21.65 23.31 -12.02
C THR A 38 -22.04 21.84 -12.16
N GLU A 39 -23.30 21.66 -12.56
CA GLU A 39 -23.74 20.37 -13.03
CA GLU A 39 -23.73 20.34 -13.03
C GLU A 39 -23.15 20.04 -14.40
N ARG A 40 -22.55 18.85 -14.54
CA ARG A 40 -21.92 18.44 -15.77
C ARG A 40 -22.51 17.13 -16.27
N LYS A 41 -22.13 16.72 -17.49
CA LYS A 41 -22.63 15.46 -18.06
C LYS A 41 -21.47 14.57 -18.49
N MET A 42 -21.69 13.26 -18.40
CA MET A 42 -20.75 12.29 -19.00
C MET A 42 -21.59 11.09 -19.48
N ASN A 43 -21.10 10.36 -20.50
CA ASN A 43 -21.72 9.08 -20.81
C ASN A 43 -21.02 7.97 -20.07
N VAL A 44 -21.82 7.10 -19.50
CA VAL A 44 -21.32 5.86 -18.94
C VAL A 44 -21.85 4.70 -19.79
N ILE A 45 -20.92 3.87 -20.24
CA ILE A 45 -21.24 2.72 -21.10
C ILE A 45 -20.87 1.45 -20.33
N LEU A 46 -21.87 0.82 -19.74
CA LEU A 46 -21.65 -0.44 -19.01
C LEU A 46 -21.52 -1.60 -19.97
N PRO A 47 -20.72 -2.61 -19.60
CA PRO A 47 -20.51 -3.73 -20.50
C PRO A 47 -21.81 -4.54 -20.66
N VAL A 48 -21.91 -5.24 -21.77
CA VAL A 48 -23.03 -6.14 -21.98
C VAL A 48 -23.07 -7.12 -20.82
N GLY A 49 -24.26 -7.33 -20.21
CA GLY A 49 -24.35 -8.28 -19.11
C GLY A 49 -23.79 -7.78 -17.80
N TYR A 50 -23.56 -6.48 -17.68
CA TYR A 50 -23.07 -5.85 -16.45
C TYR A 50 -23.76 -6.43 -15.24
N ASP A 51 -22.95 -6.90 -14.30
CA ASP A 51 -23.41 -7.59 -13.09
C ASP A 51 -22.81 -6.87 -11.90
N GLU A 52 -23.63 -6.24 -11.09
CA GLU A 52 -23.15 -5.44 -9.95
C GLU A 52 -22.33 -6.23 -8.96
N ASN A 53 -22.47 -7.55 -9.01
CA ASN A 53 -21.69 -8.42 -8.15
C ASN A 53 -20.32 -8.78 -8.73
N LYS A 54 -20.04 -8.30 -9.93
CA LYS A 54 -18.69 -8.36 -10.52
C LYS A 54 -18.09 -6.96 -10.42
N LYS A 55 -16.78 -6.83 -10.64
CA LYS A 55 -16.17 -5.49 -10.74
C LYS A 55 -15.42 -5.39 -12.08
N TYR A 56 -15.42 -4.19 -12.65
CA TYR A 56 -14.89 -4.00 -13.98
C TYR A 56 -13.85 -2.87 -14.00
N PRO A 57 -12.84 -3.01 -14.86
CA PRO A 57 -11.90 -1.91 -15.06
C PRO A 57 -12.57 -0.83 -15.90
N VAL A 58 -11.99 0.36 -15.89
CA VAL A 58 -12.62 1.55 -16.52
C VAL A 58 -11.67 2.21 -17.52
N VAL A 59 -12.18 2.51 -18.72
CA VAL A 59 -11.47 3.40 -19.64
C VAL A 59 -12.20 4.75 -19.73
N TYR A 60 -11.45 5.82 -19.47
CA TYR A 60 -11.98 7.18 -19.72
C TYR A 60 -11.50 7.65 -21.07
N TYR A 61 -12.43 8.03 -21.97
CA TYR A 61 -12.08 8.33 -23.37
C TYR A 61 -12.49 9.78 -23.68
N LEU A 62 -11.49 10.62 -23.98
CA LEU A 62 -11.64 12.07 -24.01
C LEU A 62 -11.76 12.60 -25.44
N HIS A 63 -12.84 13.37 -25.72
CA HIS A 63 -12.96 14.03 -27.00
C HIS A 63 -11.99 15.17 -27.22
N GLY A 64 -12.04 15.72 -28.44
CA GLY A 64 -11.17 16.81 -28.82
C GLY A 64 -11.74 18.21 -28.61
N LEU A 65 -11.00 19.18 -29.14
CA LEU A 65 -11.38 20.57 -28.95
C LEU A 65 -12.76 20.80 -29.56
N MET A 66 -13.53 21.64 -28.93
CA MET A 66 -14.83 22.07 -29.51
C MET A 66 -15.87 20.92 -29.63
N SER A 67 -15.61 19.82 -28.95
CA SER A 67 -16.51 18.64 -28.90
C SER A 67 -17.11 18.51 -27.51
N TYR A 68 -17.87 17.42 -27.28
CA TYR A 68 -18.53 17.23 -25.98
C TYR A 68 -18.75 15.74 -25.76
N GLU A 69 -19.50 15.40 -24.72
CA GLU A 69 -19.47 14.00 -24.24
C GLU A 69 -20.07 13.02 -25.23
N ASP A 70 -20.90 13.47 -26.21
CA ASP A 70 -21.39 12.51 -27.19
C ASP A 70 -20.50 12.34 -28.41
N SER A 71 -19.44 13.19 -28.53
CA SER A 71 -18.74 13.25 -29.78
C SER A 71 -18.03 11.94 -30.16
N MET A 72 -17.53 11.19 -29.17
CA MET A 72 -16.86 9.94 -29.55
C MET A 72 -17.86 8.82 -29.90
N LEU A 73 -19.16 9.14 -29.84
CA LEU A 73 -20.17 8.14 -30.28
C LEU A 73 -20.60 8.37 -31.70
N GLU A 74 -20.07 9.43 -32.36
CA GLU A 74 -20.51 9.72 -33.71
C GLU A 74 -20.00 8.77 -34.78
N ASP A 75 -19.09 7.85 -34.44
CA ASP A 75 -18.68 6.74 -35.29
C ASP A 75 -18.80 5.50 -34.41
N ASP A 76 -19.18 4.37 -34.98
CA ASP A 76 -19.44 3.17 -34.14
C ASP A 76 -18.15 2.51 -33.62
N SER A 77 -16.94 3.00 -33.97
CA SER A 77 -15.75 2.34 -33.45
C SER A 77 -15.70 2.32 -31.94
N THR A 78 -16.19 3.35 -31.26
CA THR A 78 -16.02 3.40 -29.80
C THR A 78 -16.75 2.25 -29.13
N LEU A 79 -18.02 2.09 -29.53
CA LEU A 79 -18.82 0.97 -28.97
C LEU A 79 -18.46 -0.36 -29.58
N ALA A 80 -18.02 -0.41 -30.83
CA ALA A 80 -17.85 -1.74 -31.46
C ALA A 80 -16.52 -2.40 -31.12
N ILE A 81 -15.45 -1.63 -31.06
CA ILE A 81 -14.12 -2.23 -30.93
C ILE A 81 -13.93 -3.08 -29.66
N PRO A 82 -14.32 -2.56 -28.48
CA PRO A 82 -14.03 -3.42 -27.29
C PRO A 82 -14.87 -4.68 -27.28
N THR A 83 -16.13 -4.62 -27.74
CA THR A 83 -16.96 -5.85 -27.84
C THR A 83 -16.43 -6.83 -28.87
N ASN A 84 -16.04 -6.30 -30.03
CA ASN A 84 -15.59 -7.17 -31.10
C ASN A 84 -14.27 -7.82 -30.72
N LEU A 85 -13.41 -7.09 -30.00
CA LEU A 85 -12.17 -7.74 -29.49
C LEU A 85 -12.49 -8.74 -28.41
N LEU A 86 -13.44 -8.38 -27.53
CA LEU A 86 -13.81 -9.31 -26.43
C LEU A 86 -14.26 -10.67 -26.97
N LYS A 87 -15.04 -10.62 -28.04
CA LYS A 87 -15.63 -11.84 -28.63
C LYS A 87 -14.54 -12.78 -29.16
N GLU A 88 -13.36 -12.23 -29.46
CA GLU A 88 -12.22 -13.02 -29.92
C GLU A 88 -11.21 -13.29 -28.79
N GLY A 89 -11.61 -12.96 -27.57
CA GLY A 89 -10.72 -13.13 -26.43
C GLY A 89 -9.53 -12.20 -26.47
N ARG A 90 -9.67 -11.03 -27.12
CA ARG A 90 -8.57 -10.09 -27.27
C ARG A 90 -8.74 -8.78 -26.48
N ALA A 91 -9.78 -8.70 -25.66
CA ALA A 91 -9.93 -7.58 -24.75
C ALA A 91 -10.64 -8.07 -23.52
N LYS A 92 -10.55 -7.30 -22.45
CA LYS A 92 -11.30 -7.60 -21.22
C LYS A 92 -12.66 -6.87 -21.24
N GLU A 93 -13.63 -7.42 -20.51
CA GLU A 93 -14.86 -6.65 -20.23
C GLU A 93 -14.55 -5.37 -19.49
N MET A 94 -15.17 -4.28 -19.87
CA MET A 94 -14.80 -3.03 -19.23
C MET A 94 -15.98 -2.07 -19.24
N ILE A 95 -15.86 -1.02 -18.41
CA ILE A 95 -16.77 0.14 -18.43
C ILE A 95 -16.08 1.27 -19.21
N ILE A 96 -16.81 1.93 -20.12
CA ILE A 96 -16.24 3.04 -20.87
C ILE A 96 -16.96 4.32 -20.44
N VAL A 97 -16.18 5.34 -20.08
CA VAL A 97 -16.73 6.64 -19.69
C VAL A 97 -16.31 7.70 -20.70
N LEU A 98 -17.27 8.45 -21.20
CA LEU A 98 -16.98 9.59 -22.14
C LEU A 98 -17.30 10.87 -21.41
N PRO A 99 -16.29 11.55 -20.86
CA PRO A 99 -16.55 12.82 -20.17
C PRO A 99 -16.75 13.97 -21.15
N ASP A 100 -17.28 15.06 -20.57
CA ASP A 100 -17.12 16.39 -21.18
C ASP A 100 -15.80 16.94 -20.67
N VAL A 101 -14.82 17.07 -21.55
CA VAL A 101 -13.44 17.36 -21.14
C VAL A 101 -13.21 18.85 -20.88
N TYR A 102 -14.17 19.69 -21.31
CA TYR A 102 -13.97 21.14 -21.12
C TYR A 102 -14.50 21.51 -19.75
N ALA A 103 -13.58 21.64 -18.78
CA ALA A 103 -13.96 21.82 -17.38
C ALA A 103 -13.35 23.07 -16.75
N PRO A 104 -13.70 24.25 -17.23
CA PRO A 104 -13.12 25.49 -16.72
C PRO A 104 -13.57 25.81 -15.30
N LYS A 105 -12.65 26.41 -14.53
CA LYS A 105 -13.12 26.91 -13.24
CA LYS A 105 -12.98 27.03 -13.24
C LYS A 105 -14.03 28.13 -13.47
N PRO A 106 -14.92 28.42 -12.52
CA PRO A 106 -15.83 29.56 -12.74
C PRO A 106 -15.12 30.85 -13.02
N GLY A 107 -15.69 31.64 -13.93
CA GLY A 107 -15.13 32.90 -14.34
C GLY A 107 -14.21 32.70 -15.53
N THR A 108 -13.92 31.46 -15.93
CA THR A 108 -12.99 31.28 -17.04
C THR A 108 -13.56 30.55 -18.21
N ALA A 109 -14.88 30.33 -18.22
CA ALA A 109 -15.48 29.64 -19.37
C ALA A 109 -15.59 30.62 -20.54
N VAL A 110 -15.11 30.18 -21.71
CA VAL A 110 -15.17 31.01 -22.89
C VAL A 110 -15.63 30.14 -24.07
N THR A 111 -15.98 30.83 -25.15
CA THR A 111 -16.51 30.12 -26.30
C THR A 111 -15.40 29.34 -27.03
N PRO A 112 -15.74 28.17 -27.59
CA PRO A 112 -14.66 27.38 -28.21
C PRO A 112 -13.94 28.14 -29.33
N ASP A 113 -12.62 27.98 -29.38
CA ASP A 113 -11.83 28.65 -30.41
C ASP A 113 -10.40 28.16 -30.12
N PHE A 114 -9.53 28.42 -31.09
CA PHE A 114 -8.09 28.15 -30.91
C PHE A 114 -7.46 29.32 -30.15
N ASN A 115 -7.64 29.33 -28.82
CA ASN A 115 -6.94 30.32 -28.03
C ASN A 115 -6.65 29.76 -26.66
N PRO A 116 -5.62 30.30 -26.05
CA PRO A 116 -5.10 29.78 -24.81
C PRO A 116 -6.13 29.77 -23.72
N GLU A 117 -6.99 30.78 -23.66
CA GLU A 117 -7.96 30.76 -22.58
C GLU A 117 -8.90 29.60 -22.70
N TYR A 118 -9.32 29.24 -23.90
CA TYR A 118 -10.18 28.06 -24.02
C TYR A 118 -9.42 26.75 -23.65
N TYR A 119 -8.14 26.66 -24.05
CA TYR A 119 -7.39 25.47 -23.68
C TYR A 119 -7.31 25.22 -22.19
N LYS A 120 -7.26 26.29 -21.39
CA LYS A 120 -7.13 26.13 -19.92
C LYS A 120 -8.21 25.20 -19.34
N GLY A 121 -9.41 25.24 -19.92
CA GLY A 121 -10.49 24.38 -19.44
C GLY A 121 -10.25 22.90 -19.67
N TYR A 122 -9.51 22.57 -20.73
CA TYR A 122 -9.10 21.21 -20.94
C TYR A 122 -7.98 20.83 -19.98
N ASP A 123 -7.06 21.77 -19.76
CA ASP A 123 -5.99 21.50 -18.78
C ASP A 123 -6.58 21.20 -17.41
N ASN A 124 -7.66 21.89 -17.05
CA ASN A 124 -8.24 21.73 -15.74
C ASN A 124 -8.95 20.41 -15.57
N PHE A 125 -9.13 19.67 -16.65
CA PHE A 125 -9.75 18.37 -16.61
C PHE A 125 -8.98 17.39 -15.70
N ILE A 126 -7.68 17.63 -15.51
CA ILE A 126 -6.96 16.76 -14.54
C ILE A 126 -7.63 16.82 -13.16
N ASN A 127 -8.14 17.97 -12.76
CA ASN A 127 -8.81 18.10 -11.50
C ASN A 127 -10.24 17.49 -11.52
N GLU A 128 -10.95 17.73 -12.65
CA GLU A 128 -12.30 17.13 -12.83
C GLU A 128 -12.23 15.62 -12.76
N LEU A 129 -11.22 15.05 -13.44
CA LEU A 129 -11.15 13.58 -13.48
C LEU A 129 -10.85 13.02 -12.07
N ILE A 130 -9.80 13.58 -11.44
CA ILE A 130 -9.26 12.95 -10.20
C ILE A 130 -10.12 13.28 -8.99
N GLU A 131 -10.64 14.52 -8.93
CA GLU A 131 -11.39 14.97 -7.76
C GLU A 131 -12.89 14.65 -7.84
N VAL A 132 -13.43 14.52 -9.05
CA VAL A 132 -14.90 14.41 -9.20
C VAL A 132 -15.31 13.14 -9.92
N ILE A 133 -14.80 12.90 -11.12
CA ILE A 133 -15.31 11.78 -11.90
C ILE A 133 -14.88 10.42 -11.35
N MET A 134 -13.63 10.27 -11.01
CA MET A 134 -13.20 8.97 -10.55
CA MET A 134 -13.19 8.99 -10.48
C MET A 134 -13.90 8.62 -9.18
N PRO A 135 -14.03 9.58 -8.22
CA PRO A 135 -14.82 9.21 -7.03
C PRO A 135 -16.30 8.91 -7.37
N TYR A 136 -16.87 9.62 -8.33
CA TYR A 136 -18.26 9.33 -8.70
C TYR A 136 -18.40 7.87 -9.16
N MET A 137 -17.48 7.49 -10.05
CA MET A 137 -17.54 6.12 -10.61
C MET A 137 -17.40 5.10 -9.52
N GLU A 138 -16.49 5.36 -8.56
CA GLU A 138 -16.28 4.39 -7.44
C GLU A 138 -17.54 4.27 -6.56
N GLU A 139 -18.22 5.40 -6.39
CA GLU A 139 -19.42 5.39 -5.53
C GLU A 139 -20.64 4.77 -6.20
N HIS A 140 -20.75 4.85 -7.52
CA HIS A 140 -22.01 4.54 -8.19
C HIS A 140 -22.00 3.29 -9.04
N TYR A 141 -20.80 2.76 -9.33
CA TYR A 141 -20.67 1.59 -10.19
C TYR A 141 -19.74 0.57 -9.57
N SER A 142 -19.86 -0.66 -10.07
CA SER A 142 -19.03 -1.73 -9.50
CA SER A 142 -19.03 -1.76 -9.53
C SER A 142 -17.72 -1.80 -10.29
N ILE A 143 -16.77 -0.97 -9.88
CA ILE A 143 -15.51 -0.85 -10.61
C ILE A 143 -14.36 -1.50 -9.86
N LEU A 144 -13.34 -1.86 -10.62
CA LEU A 144 -12.02 -2.20 -10.09
C LEU A 144 -11.24 -0.89 -9.96
N THR A 145 -10.59 -0.71 -8.84
CA THR A 145 -9.78 0.51 -8.68
C THR A 145 -8.29 0.14 -8.80
N GLY A 146 -7.47 1.19 -8.85
CA GLY A 146 -6.02 0.99 -8.91
C GLY A 146 -5.56 1.24 -10.35
N ARG A 147 -4.26 1.53 -10.51
CA ARG A 147 -3.80 1.92 -11.85
C ARG A 147 -3.89 0.76 -12.87
N GLU A 148 -3.77 -0.47 -12.44
CA GLU A 148 -3.87 -1.58 -13.35
C GLU A 148 -5.25 -1.75 -13.96
N ASN A 149 -6.22 -1.07 -13.38
CA ASN A 149 -7.64 -1.15 -13.79
C ASN A 149 -8.14 0.14 -14.33
N THR A 150 -7.24 1.05 -14.68
CA THR A 150 -7.66 2.41 -15.07
C THR A 150 -6.93 2.82 -16.36
N ALA A 151 -7.68 3.08 -17.43
CA ALA A 151 -7.11 3.57 -18.70
C ALA A 151 -7.65 4.92 -19.06
N LEU A 152 -6.80 5.71 -19.75
CA LEU A 152 -7.17 7.07 -20.13
C LEU A 152 -6.71 7.28 -21.55
N CYS A 153 -7.65 7.55 -22.47
CA CYS A 153 -7.24 7.78 -23.84
C CYS A 153 -8.11 8.90 -24.45
N GLY A 154 -7.69 9.37 -25.62
CA GLY A 154 -8.39 10.54 -26.15
C GLY A 154 -7.97 10.83 -27.58
N PHE A 155 -8.73 11.75 -28.19
CA PHE A 155 -8.41 12.24 -29.51
C PHE A 155 -8.05 13.71 -29.47
N SER A 156 -6.94 14.05 -30.14
CA SER A 156 -6.54 15.45 -30.43
CA SER A 156 -6.57 15.45 -30.44
C SER A 156 -6.40 16.19 -29.11
N MET A 157 -7.18 17.25 -28.85
CA MET A 157 -6.96 17.86 -27.56
C MET A 157 -7.15 16.87 -26.39
N GLY A 158 -8.06 15.91 -26.55
CA GLY A 158 -8.31 14.90 -25.50
C GLY A 158 -7.12 13.95 -25.38
N ALA A 159 -6.37 13.80 -26.47
CA ALA A 159 -5.15 12.98 -26.45
C ALA A 159 -3.97 13.75 -25.77
N ARG A 160 -3.87 15.05 -26.04
CA ARG A 160 -2.94 15.88 -25.27
C ARG A 160 -3.26 15.79 -23.78
N THR A 161 -4.56 15.84 -23.45
CA THR A 161 -4.94 15.84 -22.06
C THR A 161 -4.66 14.46 -21.45
N SER A 162 -4.92 13.40 -22.22
CA SER A 162 -4.63 12.04 -21.72
CA SER A 162 -4.64 12.06 -21.70
C SER A 162 -3.14 11.84 -21.44
N LEU A 163 -2.28 12.36 -22.32
CA LEU A 163 -0.84 12.19 -22.10
C LEU A 163 -0.38 13.00 -20.88
N TYR A 164 -0.92 14.22 -20.75
CA TYR A 164 -0.54 15.08 -19.63
C TYR A 164 -0.90 14.38 -18.31
N ILE A 165 -2.16 13.95 -18.21
CA ILE A 165 -2.61 13.37 -16.97
C ILE A 165 -1.91 12.03 -16.74
N GLY A 166 -1.79 11.22 -17.80
CA GLY A 166 -1.20 9.87 -17.67
C GLY A 166 0.26 9.92 -17.26
N TYR A 167 0.99 10.98 -17.62
CA TYR A 167 2.39 11.05 -17.19
C TYR A 167 2.49 11.81 -15.86
N MET A 168 1.69 12.86 -15.64
CA MET A 168 1.88 13.57 -14.37
C MET A 168 1.30 12.75 -13.21
N ARG A 169 0.29 11.92 -13.49
CA ARG A 169 -0.34 11.10 -12.45
C ARG A 169 -0.39 9.65 -12.91
N SER A 170 0.80 9.16 -13.27
CA SER A 170 0.95 7.78 -13.68
CA SER A 170 0.92 7.77 -13.69
C SER A 170 0.66 6.82 -12.53
N ASP A 171 0.70 7.34 -11.31
CA ASP A 171 0.29 6.49 -10.16
C ASP A 171 -1.19 6.10 -10.20
N LEU A 172 -2.04 6.92 -10.87
CA LEU A 172 -3.47 6.62 -10.96
C LEU A 172 -3.85 5.92 -12.27
N ILE A 173 -3.09 6.18 -13.34
CA ILE A 173 -3.44 5.78 -14.69
C ILE A 173 -2.45 4.73 -15.17
N GLY A 174 -2.93 3.50 -15.37
CA GLY A 174 -2.03 2.41 -15.80
C GLY A 174 -1.80 2.44 -17.32
N TYR A 175 -2.78 2.88 -18.13
CA TYR A 175 -2.75 2.73 -19.58
C TYR A 175 -3.10 4.07 -20.18
N VAL A 176 -2.28 4.61 -21.08
CA VAL A 176 -2.47 5.91 -21.68
CA VAL A 176 -2.55 5.90 -21.69
C VAL A 176 -2.51 5.78 -23.20
N GLY A 177 -3.54 6.34 -23.84
CA GLY A 177 -3.68 6.24 -25.28
C GLY A 177 -3.90 7.62 -25.85
N ALA A 178 -3.12 7.98 -26.85
CA ALA A 178 -3.19 9.34 -27.39
C ALA A 178 -3.35 9.26 -28.89
N PHE A 179 -4.53 9.56 -29.42
CA PHE A 179 -4.76 9.45 -30.86
C PHE A 179 -4.72 10.84 -31.44
N ALA A 180 -3.63 11.12 -32.16
CA ALA A 180 -3.37 12.43 -32.80
C ALA A 180 -3.37 13.56 -31.78
N PRO A 181 -2.53 13.49 -30.75
CA PRO A 181 -2.51 14.54 -29.73
C PRO A 181 -2.12 15.94 -30.24
N ALA A 182 -2.81 16.93 -29.67
CA ALA A 182 -2.65 18.33 -30.02
C ALA A 182 -1.31 18.92 -29.52
N PRO A 183 -0.87 20.02 -30.12
CA PRO A 183 0.31 20.72 -29.61
C PRO A 183 0.12 21.28 -28.23
N GLY A 184 1.24 21.51 -27.55
CA GLY A 184 1.28 22.30 -26.33
C GLY A 184 1.43 21.54 -25.02
N ILE A 185 1.60 20.22 -25.08
CA ILE A 185 1.98 19.55 -23.81
C ILE A 185 3.30 20.20 -23.36
N THR A 186 4.20 20.32 -24.32
CA THR A 186 5.53 20.92 -24.13
C THR A 186 5.60 22.18 -25.05
N PRO A 187 6.63 23.01 -24.95
CA PRO A 187 6.60 24.24 -25.75
C PRO A 187 6.58 23.97 -27.24
N GLY A 188 5.87 24.84 -27.95
CA GLY A 188 5.79 24.65 -29.40
C GLY A 188 5.12 25.85 -30.06
N GLU A 189 5.02 25.82 -31.39
CA GLU A 189 4.45 26.95 -32.14
C GLU A 189 3.67 26.36 -33.31
N ASP A 190 2.47 26.88 -33.60
CA ASP A 190 1.75 26.40 -34.79
C ASP A 190 0.92 27.49 -35.42
N SER A 191 0.24 27.13 -36.52
CA SER A 191 -0.48 28.12 -37.29
C SER A 191 -1.87 28.45 -36.70
N PHE A 192 -2.41 27.57 -35.87
CA PHE A 192 -3.74 27.78 -35.29
C PHE A 192 -3.72 28.78 -34.15
N SER A 193 -2.75 28.67 -33.23
CA SER A 193 -2.74 29.69 -32.17
C SER A 193 -1.34 30.20 -31.78
N GLY A 194 -0.37 30.00 -32.64
CA GLY A 194 0.88 30.71 -32.39
C GLY A 194 1.67 30.00 -31.31
N LYS A 195 2.27 30.78 -30.40
CA LYS A 195 3.11 30.20 -29.34
C LYS A 195 2.30 29.37 -28.40
N HIS A 196 2.80 28.18 -28.05
CA HIS A 196 2.27 27.38 -26.97
C HIS A 196 3.34 27.34 -25.89
N GLU A 197 3.11 27.91 -24.71
CA GLU A 197 4.18 27.94 -23.71
C GLU A 197 4.58 26.56 -23.20
N GLY A 198 3.65 25.61 -23.26
CA GLY A 198 3.89 24.26 -22.78
C GLY A 198 3.34 24.11 -21.35
N LEU A 199 2.63 23.01 -21.09
CA LEU A 199 2.29 22.71 -19.72
C LEU A 199 3.49 22.37 -18.87
N ILE A 200 4.47 21.73 -19.50
CA ILE A 200 5.68 21.28 -18.83
C ILE A 200 6.83 21.48 -19.81
N SER A 201 8.06 21.41 -19.34
CA SER A 201 9.18 21.37 -20.26
C SER A 201 9.31 19.97 -20.91
N GLU A 202 10.10 19.88 -21.98
CA GLU A 202 10.34 18.56 -22.56
C GLU A 202 11.00 17.58 -21.56
N ASP A 203 12.00 18.04 -20.80
CA ASP A 203 12.66 17.15 -19.82
C ASP A 203 11.72 16.67 -18.74
N GLU A 204 10.64 17.42 -18.50
CA GLU A 204 9.64 17.05 -17.49
C GLU A 204 8.61 16.08 -18.02
N PHE A 205 8.64 15.78 -19.33
CA PHE A 205 7.58 14.93 -19.92
C PHE A 205 8.01 13.47 -19.70
N ARG A 206 7.78 12.99 -18.49
CA ARG A 206 8.24 11.67 -18.02
C ARG A 206 7.45 11.32 -16.75
N ALA A 207 7.54 10.09 -16.30
CA ALA A 207 6.83 9.63 -15.11
C ALA A 207 7.79 8.91 -14.24
N GLU A 208 7.62 9.00 -12.94
CA GLU A 208 8.43 8.19 -12.08
C GLU A 208 7.97 6.74 -12.25
N ILE A 209 6.73 6.36 -11.85
CA ILE A 209 6.20 4.99 -12.15
C ILE A 209 5.71 4.93 -13.58
N GLN A 210 6.26 4.01 -14.39
CA GLN A 210 5.99 4.02 -15.84
C GLN A 210 4.57 3.59 -16.15
N PRO A 211 3.91 4.23 -17.13
CA PRO A 211 2.68 3.60 -17.64
C PRO A 211 2.88 2.14 -17.96
N ILE A 212 1.87 1.31 -17.70
CA ILE A 212 1.91 -0.08 -18.11
C ILE A 212 1.94 -0.15 -19.66
N VAL A 213 1.12 0.68 -20.29
CA VAL A 213 1.12 0.86 -21.75
C VAL A 213 0.97 2.38 -22.00
N SER A 214 1.78 2.93 -22.90
CA SER A 214 1.65 4.32 -23.40
C SER A 214 1.62 4.18 -24.89
N LEU A 215 0.57 4.66 -25.55
CA LEU A 215 0.48 4.46 -27.01
C LEU A 215 0.10 5.75 -27.65
N ILE A 216 0.75 6.08 -28.75
CA ILE A 216 0.48 7.32 -29.47
C ILE A 216 0.38 6.98 -30.95
N ASP A 217 -0.66 7.51 -31.63
CA ASP A 217 -0.68 7.40 -33.10
C ASP A 217 -1.06 8.72 -33.74
N CYS A 218 -0.96 8.73 -35.05
CA CYS A 218 -1.38 9.91 -35.83
C CYS A 218 -1.43 9.53 -37.29
N GLY A 219 -2.35 10.11 -38.07
CA GLY A 219 -2.28 10.03 -39.51
C GLY A 219 -0.96 10.64 -40.03
N THR A 220 -0.52 10.21 -41.20
CA THR A 220 0.70 10.81 -41.81
C THR A 220 0.36 12.22 -42.37
N ASN A 221 -0.94 12.53 -42.51
CA ASN A 221 -1.35 13.75 -43.21
C ASN A 221 -2.39 14.49 -42.39
N ASP A 222 -2.11 14.63 -41.09
CA ASP A 222 -3.06 15.26 -40.19
C ASP A 222 -2.88 16.78 -40.32
N SER A 223 -3.90 17.43 -40.89
CA SER A 223 -3.87 18.86 -41.20
C SER A 223 -4.12 19.74 -39.94
N VAL A 224 -4.47 19.12 -38.81
CA VAL A 224 -4.84 19.89 -37.61
C VAL A 224 -3.71 19.85 -36.58
N VAL A 225 -3.14 18.66 -36.33
CA VAL A 225 -2.06 18.62 -35.33
C VAL A 225 -0.69 18.31 -35.96
N GLY A 226 -0.64 18.02 -37.26
CA GLY A 226 0.63 17.97 -38.00
C GLY A 226 1.63 17.01 -37.40
N GLN A 227 2.80 17.58 -37.06
CA GLN A 227 3.92 16.78 -36.58
C GLN A 227 3.98 16.79 -35.07
N PHE A 228 2.96 17.30 -34.39
CA PHE A 228 3.08 17.31 -32.92
C PHE A 228 3.06 15.94 -32.29
N PRO A 229 2.23 15.01 -32.75
CA PRO A 229 2.32 13.67 -32.14
C PRO A 229 3.70 13.05 -32.33
N LYS A 230 4.27 13.19 -33.53
CA LYS A 230 5.64 12.72 -33.72
C LYS A 230 6.63 13.41 -32.76
N SER A 231 6.43 14.70 -32.51
CA SER A 231 7.32 15.41 -31.57
C SER A 231 7.23 14.78 -30.16
N TYR A 232 6.03 14.39 -29.75
CA TYR A 232 5.87 13.75 -28.44
C TYR A 232 6.57 12.38 -28.42
N HIS A 233 6.41 11.62 -29.50
CA HIS A 233 7.16 10.34 -29.61
C HIS A 233 8.65 10.60 -29.41
N GLU A 234 9.13 11.63 -30.06
CA GLU A 234 10.57 11.90 -30.00
C GLU A 234 11.03 12.31 -28.58
N ILE A 235 10.24 13.15 -27.90
CA ILE A 235 10.59 13.60 -26.57
C ILE A 235 10.53 12.42 -25.58
N LEU A 236 9.48 11.60 -25.67
CA LEU A 236 9.34 10.43 -24.76
C LEU A 236 10.51 9.50 -24.98
N THR A 237 10.89 9.32 -26.25
CA THR A 237 12.03 8.44 -26.56
C THR A 237 13.32 8.99 -25.96
N ARG A 238 13.56 10.27 -26.15
CA ARG A 238 14.76 10.96 -25.56
C ARG A 238 14.77 10.78 -24.02
N ASN A 239 13.57 10.72 -23.45
CA ASN A 239 13.44 10.66 -22.00
C ASN A 239 13.36 9.25 -21.48
N ASN A 240 13.63 8.27 -22.36
CA ASN A 240 13.61 6.86 -21.95
C ASN A 240 12.29 6.38 -21.40
N GLN A 241 11.19 6.89 -21.98
CA GLN A 241 9.84 6.52 -21.54
C GLN A 241 9.33 5.48 -22.53
N GLU A 242 9.15 4.24 -22.12
CA GLU A 242 8.69 3.18 -23.04
C GLU A 242 7.28 3.48 -23.53
N HIS A 243 7.07 3.32 -24.84
CA HIS A 243 5.77 3.61 -25.43
C HIS A 243 5.73 3.06 -26.84
N ILE A 244 4.53 3.02 -27.37
CA ILE A 244 4.30 2.58 -28.72
C ILE A 244 3.95 3.77 -29.58
N TRP A 245 4.53 3.85 -30.76
CA TRP A 245 4.24 4.93 -31.69
C TRP A 245 4.05 4.34 -33.09
N PHE A 246 2.96 4.81 -33.77
CA PHE A 246 2.85 4.44 -35.19
C PHE A 246 2.03 5.46 -35.93
N GLU A 247 2.17 5.44 -37.26
CA GLU A 247 1.42 6.41 -38.12
C GLU A 247 0.49 5.68 -39.03
N VAL A 248 -0.68 6.27 -39.26
CA VAL A 248 -1.70 5.65 -40.09
C VAL A 248 -1.57 6.20 -41.49
N PRO A 249 -1.21 5.36 -42.48
CA PRO A 249 -0.79 5.94 -43.76
C PRO A 249 -1.93 6.64 -44.55
N GLY A 250 -1.69 7.89 -44.94
CA GLY A 250 -2.64 8.68 -45.68
C GLY A 250 -3.77 9.26 -44.83
N ALA A 251 -3.84 8.94 -43.53
CA ALA A 251 -4.91 9.46 -42.70
C ALA A 251 -4.71 10.88 -42.25
N ASP A 252 -5.84 11.55 -42.06
CA ASP A 252 -5.88 12.95 -41.63
C ASP A 252 -6.43 12.96 -40.21
N HIS A 253 -6.99 14.09 -39.78
CA HIS A 253 -7.60 14.25 -38.46
CA HIS A 253 -7.60 14.24 -38.44
C HIS A 253 -9.00 13.59 -38.53
N ASP A 254 -9.03 12.25 -38.46
CA ASP A 254 -10.24 11.56 -38.86
C ASP A 254 -10.44 10.23 -38.13
N TRP A 255 -11.54 9.56 -38.49
CA TRP A 255 -11.91 8.36 -37.75
C TRP A 255 -11.05 7.16 -38.15
N ASN A 256 -10.35 7.24 -39.30
CA ASN A 256 -9.34 6.19 -39.58
C ASN A 256 -8.20 6.25 -38.55
N ALA A 257 -7.71 7.46 -38.24
CA ALA A 257 -6.61 7.59 -37.26
C ALA A 257 -7.13 7.23 -35.85
N ILE A 258 -8.35 7.65 -35.53
CA ILE A 258 -8.89 7.34 -34.22
C ILE A 258 -9.12 5.85 -34.06
N SER A 259 -9.80 5.23 -35.05
CA SER A 259 -10.14 3.79 -34.86
C SER A 259 -8.87 2.95 -34.83
N ALA A 260 -7.83 3.33 -35.62
CA ALA A 260 -6.59 2.56 -35.54
C ALA A 260 -5.98 2.64 -34.13
N GLY A 261 -6.03 3.85 -33.55
CA GLY A 261 -5.47 4.02 -32.23
C GLY A 261 -6.23 3.20 -31.18
N PHE A 262 -7.56 3.35 -31.18
CA PHE A 262 -8.36 2.67 -30.15
C PHE A 262 -8.30 1.15 -30.28
N TYR A 263 -8.30 0.66 -31.53
CA TYR A 263 -8.16 -0.78 -31.79
C TYR A 263 -6.86 -1.34 -31.20
N ASN A 264 -5.72 -0.68 -31.49
CA ASN A 264 -4.49 -1.19 -30.87
C ASN A 264 -4.47 -1.01 -29.36
N PHE A 265 -4.98 0.13 -28.88
CA PHE A 265 -4.95 0.37 -27.46
C PHE A 265 -5.74 -0.64 -26.64
N ILE A 266 -6.96 -0.95 -27.09
CA ILE A 266 -7.85 -1.81 -26.29
C ILE A 266 -7.35 -3.26 -26.29
N GLN A 267 -6.53 -3.61 -27.28
CA GLN A 267 -5.88 -4.90 -27.25
C GLN A 267 -4.84 -5.02 -26.12
N THR A 268 -4.41 -3.89 -25.57
CA THR A 268 -3.36 -3.94 -24.53
C THR A 268 -3.90 -3.72 -23.12
N THR A 269 -5.10 -3.18 -23.01
CA THR A 269 -5.52 -2.71 -21.68
C THR A 269 -5.87 -3.86 -20.75
N PHE A 270 -5.59 -3.65 -19.45
CA PHE A 270 -6.08 -4.51 -18.39
C PHE A 270 -5.61 -5.96 -18.50
N GLY A 271 -4.38 -6.14 -18.94
CA GLY A 271 -3.80 -7.46 -18.97
C GLY A 271 -4.32 -8.37 -20.08
N ALA A 272 -4.94 -7.80 -21.11
CA ALA A 272 -5.52 -8.60 -22.20
C ALA A 272 -4.50 -9.46 -22.92
N LEU A 273 -3.23 -9.03 -22.91
CA LEU A 273 -2.18 -9.83 -23.53
C LEU A 273 -1.61 -10.85 -22.56
N ASN A 274 -2.16 -10.84 -21.33
CA ASN A 274 -1.82 -11.67 -20.15
C ASN A 274 -0.58 -11.15 -19.43
N MET B 1 8.34 6.36 20.33
CA MET B 1 7.88 6.57 18.95
C MET B 1 6.50 5.97 18.81
N SER B 2 6.23 4.94 19.59
CA SER B 2 4.97 4.22 19.39
C SER B 2 3.72 4.96 19.92
N LYS B 3 3.90 6.10 20.60
CA LYS B 3 2.75 6.88 21.10
C LYS B 3 1.78 7.38 19.99
N LEU B 4 2.31 7.75 18.84
CA LEU B 4 1.47 8.19 17.75
C LEU B 4 0.35 7.14 17.46
N GLN B 5 -0.88 7.53 17.11
CA GLN B 5 -1.84 6.51 16.64
C GLN B 5 -1.70 6.46 15.11
N ILE B 6 -1.21 5.35 14.53
CA ILE B 6 -0.98 5.33 13.09
C ILE B 6 -2.28 5.31 12.31
N SER B 7 -2.29 6.04 11.22
CA SER B 7 -3.34 5.85 10.23
CA SER B 7 -3.33 5.98 10.20
C SER B 7 -2.72 5.30 8.96
N ASN B 8 -3.22 4.15 8.52
CA ASN B 8 -2.51 3.55 7.36
C ASN B 8 -2.77 4.23 6.04
N THR B 9 -3.73 5.16 6.07
CA THR B 9 -4.08 5.95 4.89
CA THR B 9 -4.02 5.98 4.91
C THR B 9 -4.32 7.39 5.40
N CYS B 10 -3.89 8.39 4.62
CA CYS B 10 -4.15 9.76 5.06
C CYS B 10 -5.59 10.14 4.77
N PRO B 11 -6.36 10.56 5.78
CA PRO B 11 -7.74 10.95 5.47
C PRO B 11 -7.77 12.10 4.46
N ASP B 12 -8.77 12.06 3.59
CA ASP B 12 -8.87 13.08 2.55
C ASP B 12 -8.86 14.47 3.09
N LYS B 13 -9.49 14.71 4.23
CA LYS B 13 -9.56 16.09 4.75
C LYS B 13 -8.19 16.65 5.10
N TYR B 14 -7.20 15.82 5.40
CA TYR B 14 -5.90 16.38 5.72
C TYR B 14 -5.02 16.57 4.49
N ARG B 15 -5.20 15.75 3.46
CA ARG B 15 -4.34 15.90 2.28
C ARG B 15 -4.94 16.80 1.22
N THR B 16 -6.12 17.36 1.45
CA THR B 16 -6.85 18.21 0.51
CA THR B 16 -6.65 18.24 0.42
C THR B 16 -6.81 19.64 1.01
N LYS B 17 -6.69 20.64 0.13
CA LYS B 17 -6.91 22.00 0.59
C LYS B 17 -8.38 22.28 0.89
N GLN B 18 -8.66 22.84 2.05
CA GLN B 18 -10.01 23.07 2.51
C GLN B 18 -10.47 24.49 2.15
N GLU B 19 -11.77 24.63 1.84
CA GLU B 19 -12.26 25.92 1.39
C GLU B 19 -12.11 26.92 2.53
N GLY B 20 -11.70 28.14 2.18
CA GLY B 20 -11.55 29.23 3.14
C GLY B 20 -10.30 29.16 4.03
N VAL B 21 -9.43 28.18 3.79
CA VAL B 21 -8.22 28.03 4.57
C VAL B 21 -7.04 28.55 3.74
N GLU B 22 -6.21 29.38 4.36
CA GLU B 22 -4.99 29.83 3.67
C GLU B 22 -3.86 28.79 3.76
N TYR B 23 -3.24 28.47 2.61
CA TYR B 23 -2.12 27.50 2.58
C TYR B 23 -0.84 28.25 2.18
N PRO B 24 0.32 27.77 2.62
CA PRO B 24 1.55 28.46 2.21
C PRO B 24 1.83 28.24 0.74
N THR B 25 2.73 29.06 0.21
CA THR B 25 3.14 28.82 -1.17
CA THR B 25 3.15 29.01 -1.20
C THR B 25 4.63 28.60 -1.32
N ALA B 26 4.98 27.92 -2.41
CA ALA B 26 6.38 27.67 -2.77
C ALA B 26 6.98 28.86 -3.49
N LYS B 27 8.21 29.23 -3.11
CA LYS B 27 8.96 30.22 -3.87
C LYS B 27 10.24 29.53 -4.35
N LYS B 28 10.52 29.62 -5.63
CA LYS B 28 11.69 28.91 -6.19
C LYS B 28 12.93 29.79 -6.01
N ILE B 29 13.93 29.23 -5.34
CA ILE B 29 15.19 29.94 -5.05
C ILE B 29 16.28 29.40 -5.94
N THR B 30 17.06 30.30 -6.55
CA THR B 30 18.24 29.89 -7.31
C THR B 30 19.47 30.25 -6.48
N TYR B 31 20.41 29.30 -6.35
CA TYR B 31 21.61 29.53 -5.51
C TYR B 31 22.79 28.77 -6.07
N TYR B 32 24.01 29.21 -5.75
CA TYR B 32 25.20 28.57 -6.32
C TYR B 32 25.71 27.50 -5.38
N SER B 33 25.93 26.30 -5.92
CA SER B 33 26.46 25.19 -5.12
C SER B 33 27.91 24.89 -5.41
N LYS B 34 28.77 24.98 -4.39
CA LYS B 34 30.17 24.58 -4.55
C LYS B 34 30.36 23.05 -4.64
N VAL B 35 29.31 22.29 -4.32
CA VAL B 35 29.36 20.84 -4.44
C VAL B 35 29.11 20.38 -5.88
N THR B 36 28.06 20.90 -6.52
CA THR B 36 27.88 20.59 -7.95
C THR B 36 28.61 21.55 -8.90
N GLU B 37 29.12 22.66 -8.34
CA GLU B 37 29.79 23.71 -9.09
C GLU B 37 28.85 24.25 -10.15
N THR B 38 27.56 24.29 -9.83
CA THR B 38 26.60 24.92 -10.72
C THR B 38 25.56 25.69 -9.91
N GLU B 39 24.83 26.56 -10.62
CA GLU B 39 23.62 27.15 -10.10
CA GLU B 39 23.59 27.15 -10.07
C GLU B 39 22.50 26.09 -10.00
N ARG B 40 21.84 26.01 -8.85
CA ARG B 40 20.82 25.02 -8.56
C ARG B 40 19.53 25.68 -8.11
N LYS B 41 18.45 24.91 -8.07
CA LYS B 41 17.13 25.42 -7.64
C LYS B 41 16.64 24.61 -6.43
N MET B 42 15.91 25.30 -5.55
CA MET B 42 15.08 24.59 -4.55
C MET B 42 13.83 25.41 -4.31
N ASN B 43 12.79 24.77 -3.81
CA ASN B 43 11.63 25.54 -3.36
C ASN B 43 11.69 25.75 -1.88
N VAL B 44 11.40 26.98 -1.47
CA VAL B 44 11.26 27.28 -0.04
C VAL B 44 9.80 27.64 0.20
N ILE B 45 9.18 26.94 1.15
CA ILE B 45 7.78 27.16 1.51
C ILE B 45 7.74 27.68 2.93
N LEU B 46 7.54 28.98 3.03
CA LEU B 46 7.45 29.63 4.34
C LEU B 46 6.07 29.46 4.95
N PRO B 47 6.01 29.36 6.27
CA PRO B 47 4.67 29.19 6.87
C PRO B 47 3.78 30.40 6.67
N VAL B 48 2.47 30.15 6.68
CA VAL B 48 1.51 31.24 6.66
C VAL B 48 1.79 32.21 7.82
N GLY B 49 1.85 33.51 7.55
CA GLY B 49 2.14 34.45 8.61
C GLY B 49 3.61 34.48 9.05
N TYR B 50 4.49 33.98 8.19
CA TYR B 50 5.93 33.99 8.47
C TYR B 50 6.42 35.32 9.01
N ASP B 51 7.04 35.27 10.19
CA ASP B 51 7.50 36.44 10.93
C ASP B 51 8.99 36.28 11.16
N GLU B 52 9.78 37.17 10.56
CA GLU B 52 11.24 37.13 10.69
C GLU B 52 11.74 37.28 12.14
N ASN B 53 10.90 37.85 13.00
CA ASN B 53 11.18 37.90 14.46
C ASN B 53 10.88 36.62 15.21
N LYS B 54 10.29 35.64 14.52
CA LYS B 54 10.11 34.29 15.12
C LYS B 54 11.14 33.38 14.45
N LYS B 55 11.43 32.22 15.05
CA LYS B 55 12.28 31.23 14.37
C LYS B 55 11.50 29.96 14.19
N TYR B 56 11.76 29.27 13.07
CA TYR B 56 10.96 28.11 12.71
C TYR B 56 11.82 26.89 12.47
N PRO B 57 11.32 25.69 12.85
CA PRO B 57 12.02 24.48 12.47
C PRO B 57 11.87 24.19 10.98
N VAL B 58 12.71 23.30 10.44
CA VAL B 58 12.75 23.11 9.01
C VAL B 58 12.60 21.63 8.64
N VAL B 59 11.74 21.31 7.67
CA VAL B 59 11.66 19.99 7.06
CA VAL B 59 11.74 19.97 7.11
C VAL B 59 12.21 20.04 5.65
N TYR B 60 13.20 19.19 5.36
CA TYR B 60 13.71 19.02 3.99
C TYR B 60 13.04 17.80 3.41
N TYR B 61 12.35 17.96 2.28
CA TYR B 61 11.47 16.88 1.75
C TYR B 61 11.98 16.54 0.36
N LEU B 62 12.47 15.32 0.20
CA LEU B 62 13.26 14.89 -0.97
C LEU B 62 12.49 14.07 -1.99
N HIS B 63 12.47 14.51 -3.24
CA HIS B 63 11.83 13.75 -4.33
C HIS B 63 12.58 12.45 -4.71
N GLY B 64 11.95 11.71 -5.59
CA GLY B 64 12.49 10.45 -6.02
C GLY B 64 13.33 10.57 -7.29
N LEU B 65 13.63 9.42 -7.88
CA LEU B 65 14.49 9.40 -9.07
CA LEU B 65 14.43 9.34 -9.12
C LEU B 65 13.72 10.09 -10.20
N MET B 66 14.46 10.76 -11.07
CA MET B 66 13.79 11.36 -12.26
C MET B 66 12.70 12.41 -11.92
N SER B 67 12.92 13.05 -10.81
CA SER B 67 12.04 14.10 -10.40
C SER B 67 12.93 15.28 -10.12
N TYR B 68 12.32 16.35 -9.60
CA TYR B 68 13.07 17.60 -9.43
C TYR B 68 12.34 18.43 -8.37
N GLU B 69 12.76 19.68 -8.15
CA GLU B 69 12.31 20.37 -6.94
C GLU B 69 10.81 20.65 -6.90
N ASP B 70 10.13 20.68 -8.04
CA ASP B 70 8.65 20.91 -8.04
C ASP B 70 7.84 19.62 -7.89
N SER B 71 8.50 18.46 -7.90
CA SER B 71 7.76 17.18 -8.01
C SER B 71 6.87 16.92 -6.82
N MET B 72 7.30 17.30 -5.63
CA MET B 72 6.46 17.00 -4.46
C MET B 72 5.27 17.94 -4.33
N LEU B 73 5.15 18.90 -5.24
CA LEU B 73 3.98 19.77 -5.28
C LEU B 73 2.91 19.25 -6.21
N GLU B 74 3.13 18.12 -6.88
CA GLU B 74 2.17 17.71 -7.90
C GLU B 74 0.82 17.34 -7.27
N ASP B 75 0.85 16.84 -6.07
CA ASP B 75 -0.34 16.52 -5.31
C ASP B 75 -0.35 17.47 -4.13
N ASP B 76 -1.55 17.90 -3.71
CA ASP B 76 -1.63 18.95 -2.67
C ASP B 76 -1.27 18.46 -1.25
N SER B 77 -1.00 17.17 -1.08
CA SER B 77 -0.73 16.72 0.28
C SER B 77 0.46 17.45 0.93
N THR B 78 1.48 17.79 0.16
CA THR B 78 2.68 18.43 0.73
C THR B 78 2.33 19.76 1.39
N LEU B 79 1.60 20.60 0.66
CA LEU B 79 1.19 21.90 1.21
C LEU B 79 0.07 21.77 2.22
N ALA B 80 -0.84 20.83 2.02
CA ALA B 80 -2.07 20.81 2.83
C ALA B 80 -1.87 20.14 4.20
N ILE B 81 -1.04 19.09 4.26
CA ILE B 81 -1.03 18.32 5.48
C ILE B 81 -0.52 19.16 6.71
N PRO B 82 0.61 19.87 6.57
CA PRO B 82 1.09 20.55 7.78
C PRO B 82 0.15 21.66 8.24
N THR B 83 -0.43 22.41 7.30
CA THR B 83 -1.46 23.41 7.67
C THR B 83 -2.70 22.79 8.28
N ASN B 84 -3.15 21.68 7.71
CA ASN B 84 -4.40 21.12 8.19
C ASN B 84 -4.23 20.51 9.57
N LEU B 85 -3.05 19.94 9.84
CA LEU B 85 -2.73 19.46 11.21
C LEU B 85 -2.55 20.62 12.20
N LEU B 86 -1.88 21.69 11.76
CA LEU B 86 -1.66 22.86 12.60
C LEU B 86 -2.97 23.45 13.07
N LYS B 87 -3.95 23.48 12.17
CA LYS B 87 -5.31 23.95 12.51
C LYS B 87 -5.91 23.24 13.72
N GLU B 88 -5.57 21.98 13.89
CA GLU B 88 -6.06 21.16 14.98
C GLU B 88 -5.11 21.10 16.16
N GLY B 89 -4.03 21.88 16.09
CA GLY B 89 -3.02 21.83 17.12
C GLY B 89 -2.19 20.57 17.10
N ARG B 90 -2.13 19.90 15.94
CA ARG B 90 -1.45 18.62 15.82
C ARG B 90 -0.15 18.66 15.01
N ALA B 91 0.28 19.87 14.65
CA ALA B 91 1.62 20.10 14.09
C ALA B 91 2.14 21.43 14.50
N LYS B 92 3.46 21.58 14.39
CA LYS B 92 4.10 22.88 14.64
C LYS B 92 4.17 23.68 13.37
N GLU B 93 4.21 25.01 13.51
CA GLU B 93 4.56 25.84 12.35
C GLU B 93 5.96 25.50 11.86
N MET B 94 6.16 25.42 10.55
CA MET B 94 7.47 25.01 10.06
C MET B 94 7.76 25.62 8.69
N ILE B 95 9.04 25.59 8.33
CA ILE B 95 9.47 25.89 6.97
C ILE B 95 9.68 24.57 6.27
N ILE B 96 9.18 24.45 5.03
CA ILE B 96 9.38 23.23 4.22
C ILE B 96 10.26 23.58 3.03
N VAL B 97 11.32 22.78 2.83
CA VAL B 97 12.28 23.03 1.71
C VAL B 97 12.20 21.81 0.80
N LEU B 98 11.98 22.05 -0.51
CA LEU B 98 11.97 20.96 -1.51
C LEU B 98 13.22 21.14 -2.38
N PRO B 99 14.27 20.38 -2.09
CA PRO B 99 15.50 20.53 -2.90
C PRO B 99 15.37 19.81 -4.20
N ASP B 100 16.30 20.14 -5.09
CA ASP B 100 16.62 19.27 -6.22
C ASP B 100 17.65 18.30 -5.64
N VAL B 101 17.27 17.03 -5.47
CA VAL B 101 18.13 16.03 -4.85
C VAL B 101 19.24 15.48 -5.72
N TYR B 102 19.15 15.70 -7.05
CA TYR B 102 20.16 15.11 -7.92
C TYR B 102 21.33 16.10 -7.98
N ALA B 103 22.39 15.83 -7.22
CA ALA B 103 23.46 16.79 -7.03
C ALA B 103 24.81 16.16 -7.41
N PRO B 104 24.95 15.78 -8.69
CA PRO B 104 26.21 15.16 -9.11
C PRO B 104 27.41 16.11 -9.04
N LYS B 105 28.57 15.54 -8.67
CA LYS B 105 29.80 16.36 -8.92
C LYS B 105 30.11 16.48 -10.39
N PRO B 106 30.83 17.54 -10.80
CA PRO B 106 31.09 17.70 -12.25
C PRO B 106 31.78 16.50 -12.86
N GLY B 107 31.36 16.08 -14.07
CA GLY B 107 31.92 14.92 -14.77
C GLY B 107 30.99 13.69 -14.58
N THR B 108 30.07 13.76 -13.62
CA THR B 108 29.23 12.56 -13.30
C THR B 108 27.73 12.78 -13.56
N ALA B 109 27.39 13.92 -14.13
CA ALA B 109 25.98 14.23 -14.37
C ALA B 109 25.50 13.46 -15.62
N VAL B 110 24.50 12.58 -15.43
CA VAL B 110 23.95 11.84 -16.57
C VAL B 110 22.45 12.01 -16.62
N THR B 111 21.83 11.49 -17.70
CA THR B 111 20.36 11.66 -17.85
C THR B 111 19.67 10.70 -16.88
N PRO B 112 18.44 11.04 -16.42
CA PRO B 112 17.80 10.15 -15.47
C PRO B 112 17.54 8.74 -16.01
N ASP B 113 17.92 7.69 -15.26
CA ASP B 113 17.68 6.32 -15.72
C ASP B 113 18.09 5.41 -14.59
N PHE B 114 17.71 4.15 -14.65
CA PHE B 114 18.10 3.23 -13.57
C PHE B 114 19.53 2.70 -13.74
N ASN B 115 20.52 3.49 -13.30
CA ASN B 115 21.88 2.97 -13.36
C ASN B 115 22.74 3.58 -12.28
N PRO B 116 23.83 2.88 -11.93
CA PRO B 116 24.58 3.32 -10.76
C PRO B 116 25.18 4.71 -10.96
N GLU B 117 25.48 5.12 -12.20
CA GLU B 117 26.06 6.43 -12.33
C GLU B 117 25.07 7.51 -11.91
N TYR B 118 23.83 7.38 -12.35
CA TYR B 118 22.84 8.38 -12.01
C TYR B 118 22.62 8.36 -10.50
N TYR B 119 22.59 7.17 -9.87
CA TYR B 119 22.36 7.18 -8.44
C TYR B 119 23.40 7.95 -7.64
N LYS B 120 24.64 8.02 -8.14
CA LYS B 120 25.71 8.71 -7.41
C LYS B 120 25.37 10.17 -7.09
N GLY B 121 24.60 10.83 -7.97
CA GLY B 121 24.22 12.18 -7.72
C GLY B 121 23.25 12.36 -6.56
N TYR B 122 22.40 11.34 -6.34
CA TYR B 122 21.59 11.35 -5.14
C TYR B 122 22.44 11.06 -3.89
N ASP B 123 23.38 10.13 -3.99
CA ASP B 123 24.24 9.84 -2.85
C ASP B 123 25.02 11.12 -2.47
N ASN B 124 25.37 11.90 -3.47
CA ASN B 124 26.17 13.10 -3.22
C ASN B 124 25.33 14.22 -2.56
N PHE B 125 24.01 14.03 -2.50
CA PHE B 125 23.16 15.04 -1.89
C PHE B 125 23.52 15.26 -0.43
N ILE B 126 24.09 14.25 0.22
CA ILE B 126 24.48 14.49 1.63
C ILE B 126 25.41 15.72 1.72
N ASN B 127 26.32 15.88 0.75
CA ASN B 127 27.20 17.03 0.73
C ASN B 127 26.49 18.29 0.37
N GLU B 128 25.61 18.21 -0.64
CA GLU B 128 24.79 19.39 -1.01
C GLU B 128 23.97 19.91 0.16
N LEU B 129 23.32 18.98 0.86
CA LEU B 129 22.47 19.41 1.98
C LEU B 129 23.29 20.08 3.08
N ILE B 130 24.34 19.38 3.50
CA ILE B 130 25.08 19.83 4.68
C ILE B 130 25.99 21.01 4.39
N GLU B 131 26.67 20.99 3.23
CA GLU B 131 27.64 22.03 2.92
C GLU B 131 27.03 23.26 2.26
N VAL B 132 25.87 23.11 1.62
CA VAL B 132 25.36 24.25 0.83
C VAL B 132 23.96 24.69 1.26
N ILE B 133 23.00 23.75 1.28
CA ILE B 133 21.62 24.14 1.53
C ILE B 133 21.41 24.55 2.99
N MET B 134 21.88 23.71 3.93
CA MET B 134 21.67 24.08 5.33
C MET B 134 22.29 25.46 5.67
N PRO B 135 23.54 25.75 5.23
CA PRO B 135 24.06 27.10 5.54
C PRO B 135 23.26 28.18 4.81
N TYR B 136 22.81 27.89 3.60
CA TYR B 136 21.98 28.86 2.86
C TYR B 136 20.73 29.22 3.69
N MET B 137 20.08 28.20 4.24
CA MET B 137 18.84 28.44 4.97
C MET B 137 19.09 29.25 6.24
N GLU B 138 20.18 28.95 6.94
CA GLU B 138 20.49 29.65 8.16
C GLU B 138 20.84 31.12 7.85
N GLU B 139 21.47 31.37 6.71
CA GLU B 139 21.84 32.72 6.36
C GLU B 139 20.66 33.58 5.88
N HIS B 140 19.64 32.99 5.24
CA HIS B 140 18.61 33.75 4.51
C HIS B 140 17.22 33.71 5.15
N TYR B 141 16.98 32.78 6.07
CA TYR B 141 15.68 32.69 6.73
C TYR B 141 15.80 32.59 8.22
N SER B 142 14.70 32.85 8.93
CA SER B 142 14.76 32.81 10.37
C SER B 142 14.49 31.37 10.88
N ILE B 143 15.55 30.57 11.01
CA ILE B 143 15.28 29.16 11.32
C ILE B 143 15.77 28.79 12.70
N LEU B 144 15.24 27.69 13.22
CA LEU B 144 15.77 27.05 14.40
C LEU B 144 16.77 26.00 13.92
N THR B 145 17.89 25.85 14.61
CA THR B 145 18.89 24.89 14.17
C THR B 145 19.06 23.75 15.15
N GLY B 146 19.77 22.72 14.72
CA GLY B 146 20.07 21.60 15.58
C GLY B 146 19.08 20.48 15.30
N ARG B 147 19.44 19.29 15.73
CA ARG B 147 18.66 18.11 15.32
C ARG B 147 17.21 18.16 15.82
N GLU B 148 16.95 18.78 16.96
CA GLU B 148 15.58 18.82 17.48
C GLU B 148 14.67 19.67 16.59
N ASN B 149 15.29 20.47 15.73
CA ASN B 149 14.57 21.36 14.82
C ASN B 149 14.74 21.08 13.33
N THR B 150 15.18 19.86 13.00
CA THR B 150 15.53 19.55 11.62
C THR B 150 14.98 18.19 11.27
N ALA B 151 14.10 18.15 10.28
CA ALA B 151 13.51 16.92 9.79
C ALA B 151 13.92 16.69 8.35
N LEU B 152 14.09 15.41 8.01
CA LEU B 152 14.45 15.05 6.68
C LEU B 152 13.54 13.90 6.21
N CYS B 153 12.78 14.07 5.15
CA CYS B 153 11.94 12.95 4.70
C CYS B 153 11.95 12.96 3.18
N GLY B 154 11.39 11.92 2.61
CA GLY B 154 11.47 11.85 1.14
C GLY B 154 10.68 10.68 0.62
N PHE B 155 10.54 10.63 -0.72
CA PHE B 155 9.91 9.55 -1.42
C PHE B 155 10.92 8.79 -2.25
N SER B 156 10.91 7.48 -2.13
CA SER B 156 11.63 6.55 -3.03
C SER B 156 13.12 6.80 -3.01
N MET B 157 13.73 7.26 -4.09
CA MET B 157 15.18 7.52 -3.99
C MET B 157 15.43 8.57 -2.92
N GLY B 158 14.51 9.56 -2.80
CA GLY B 158 14.61 10.58 -1.76
C GLY B 158 14.46 10.03 -0.35
N ALA B 159 13.69 8.95 -0.21
CA ALA B 159 13.56 8.26 1.08
C ALA B 159 14.80 7.40 1.41
N ARG B 160 15.39 6.76 0.40
CA ARG B 160 16.70 6.10 0.61
C ARG B 160 17.72 7.17 1.06
N THR B 161 17.70 8.34 0.41
CA THR B 161 18.65 9.37 0.74
C THR B 161 18.38 9.94 2.14
N SER B 162 17.11 10.05 2.52
CA SER B 162 16.77 10.52 3.86
C SER B 162 17.25 9.55 4.92
N LEU B 163 17.05 8.26 4.70
CA LEU B 163 17.56 7.28 5.67
C LEU B 163 19.07 7.30 5.78
N TYR B 164 19.74 7.37 4.63
CA TYR B 164 21.18 7.39 4.64
C TYR B 164 21.71 8.60 5.43
N ILE B 165 21.20 9.78 5.09
CA ILE B 165 21.71 10.98 5.75
C ILE B 165 21.26 10.98 7.22
N GLY B 166 20.02 10.60 7.46
CA GLY B 166 19.51 10.65 8.83
C GLY B 166 20.22 9.71 9.78
N TYR B 167 20.65 8.54 9.26
CA TYR B 167 21.41 7.62 10.12
C TYR B 167 22.91 7.92 10.18
N MET B 168 23.49 8.41 9.07
CA MET B 168 24.93 8.64 9.07
C MET B 168 25.28 9.96 9.73
N ARG B 169 24.36 10.92 9.63
CA ARG B 169 24.57 12.20 10.32
C ARG B 169 23.42 12.49 11.29
N SER B 170 23.17 11.52 12.17
CA SER B 170 22.11 11.63 13.16
C SER B 170 22.38 12.78 14.14
N ASP B 171 23.61 13.34 14.12
CA ASP B 171 23.86 14.51 14.95
C ASP B 171 23.14 15.75 14.41
N LEU B 172 22.90 15.78 13.11
CA LEU B 172 22.24 16.95 12.50
C LEU B 172 20.72 16.81 12.34
N ILE B 173 20.26 15.58 12.18
CA ILE B 173 18.88 15.32 11.76
C ILE B 173 18.14 14.68 12.94
N GLY B 174 17.03 15.24 13.41
CA GLY B 174 16.33 14.63 14.54
C GLY B 174 15.17 13.73 14.09
N TYR B 175 14.59 13.99 12.92
CA TYR B 175 13.36 13.30 12.50
C TYR B 175 13.59 12.79 11.07
N VAL B 176 13.38 11.50 10.85
CA VAL B 176 13.69 10.89 9.55
C VAL B 176 12.43 10.21 9.06
N GLY B 177 12.03 10.50 7.82
CA GLY B 177 10.78 10.00 7.26
C GLY B 177 11.07 9.39 5.89
N ALA B 178 10.76 8.12 5.74
CA ALA B 178 11.15 7.46 4.49
C ALA B 178 9.89 6.82 3.86
N PHE B 179 9.40 7.37 2.76
CA PHE B 179 8.15 6.89 2.17
C PHE B 179 8.55 6.08 0.95
N ALA B 180 8.41 4.76 1.04
CA ALA B 180 8.76 3.77 -0.02
C ALA B 180 10.23 3.92 -0.48
N PRO B 181 11.16 3.82 0.48
CA PRO B 181 12.56 3.98 0.08
C PRO B 181 13.05 2.95 -0.94
N ALA B 182 13.95 3.45 -1.83
CA ALA B 182 14.55 2.65 -2.88
C ALA B 182 15.59 1.65 -2.39
N PRO B 183 15.83 0.61 -3.17
CA PRO B 183 16.95 -0.31 -2.84
C PRO B 183 18.30 0.38 -2.80
N GLY B 184 19.23 -0.27 -2.10
CA GLY B 184 20.64 0.04 -2.23
C GLY B 184 21.23 0.87 -1.12
N ILE B 185 20.48 1.16 -0.05
CA ILE B 185 21.16 1.72 1.15
C ILE B 185 22.23 0.69 1.61
N THR B 186 21.81 -0.58 1.61
CA THR B 186 22.62 -1.74 1.97
C THR B 186 22.62 -2.65 0.73
N PRO B 187 23.44 -3.66 0.70
CA PRO B 187 23.54 -4.50 -0.50
C PRO B 187 22.26 -5.19 -0.89
N GLY B 188 22.01 -5.27 -2.19
CA GLY B 188 20.77 -5.87 -2.67
C GLY B 188 20.80 -6.10 -4.15
N GLU B 189 19.73 -6.67 -4.69
CA GLU B 189 19.65 -7.03 -6.09
C GLU B 189 18.23 -6.84 -6.54
N ASP B 190 18.03 -6.17 -7.68
CA ASP B 190 16.66 -6.04 -8.20
C ASP B 190 16.61 -6.04 -9.74
N SER B 191 15.39 -5.93 -10.25
CA SER B 191 15.14 -6.07 -11.66
C SER B 191 15.49 -4.77 -12.43
N PHE B 192 15.51 -3.63 -11.74
CA PHE B 192 15.70 -2.34 -12.42
C PHE B 192 17.16 -2.10 -12.74
N SER B 193 18.07 -2.46 -11.83
CA SER B 193 19.46 -2.26 -12.19
C SER B 193 20.38 -3.33 -11.62
N GLY B 194 19.83 -4.46 -11.22
CA GLY B 194 20.71 -5.62 -10.94
C GLY B 194 21.36 -5.46 -9.58
N LYS B 195 22.67 -5.67 -9.51
CA LYS B 195 23.36 -5.60 -8.25
C LYS B 195 23.47 -4.16 -7.71
N HIS B 196 23.20 -4.02 -6.41
CA HIS B 196 23.40 -2.79 -5.66
C HIS B 196 24.45 -3.09 -4.64
N GLU B 197 25.62 -2.47 -4.75
CA GLU B 197 26.71 -2.74 -3.84
C GLU B 197 26.39 -2.37 -2.40
N GLY B 198 25.53 -1.37 -2.23
CA GLY B 198 25.21 -0.84 -0.93
C GLY B 198 26.05 0.38 -0.59
N LEU B 199 25.41 1.43 -0.05
CA LEU B 199 26.17 2.57 0.48
C LEU B 199 26.96 2.16 1.71
N ILE B 200 26.28 1.32 2.53
CA ILE B 200 26.87 0.82 3.78
C ILE B 200 26.51 -0.67 3.92
N SER B 201 27.16 -1.40 4.83
CA SER B 201 26.72 -2.76 5.12
C SER B 201 25.47 -2.76 5.97
N GLU B 202 24.77 -3.89 6.04
CA GLU B 202 23.62 -3.97 6.95
C GLU B 202 24.00 -3.63 8.37
N ASP B 203 25.13 -4.17 8.86
CA ASP B 203 25.53 -3.95 10.24
C ASP B 203 25.79 -2.47 10.51
N GLU B 204 26.18 -1.72 9.47
CA GLU B 204 26.45 -0.31 9.64
C GLU B 204 25.20 0.57 9.59
N PHE B 205 24.03 -0.03 9.30
CA PHE B 205 22.80 0.75 9.16
C PHE B 205 22.22 1.05 10.55
N ARG B 206 22.85 2.01 11.21
CA ARG B 206 22.59 2.33 12.61
CA ARG B 206 22.50 2.36 12.59
C ARG B 206 23.02 3.76 12.86
N ALA B 207 22.47 4.38 13.90
CA ALA B 207 22.69 5.82 14.20
C ALA B 207 23.49 5.99 15.43
N GLU B 208 24.37 6.98 15.40
CA GLU B 208 25.17 7.25 16.59
C GLU B 208 24.25 7.71 17.73
N ILE B 209 23.34 8.62 17.43
CA ILE B 209 22.35 9.16 18.33
C ILE B 209 21.05 8.72 17.73
N GLN B 210 20.21 8.00 18.45
CA GLN B 210 18.98 7.54 17.79
CA GLN B 210 18.95 7.52 17.84
C GLN B 210 18.13 8.72 17.34
N PRO B 211 17.51 8.59 16.16
CA PRO B 211 16.57 9.63 15.74
C PRO B 211 15.50 9.86 16.79
N ILE B 212 15.08 11.11 16.96
CA ILE B 212 13.93 11.38 17.79
C ILE B 212 12.72 10.58 17.25
N VAL B 213 12.54 10.63 15.94
CA VAL B 213 11.56 9.83 15.20
C VAL B 213 12.19 9.27 13.95
N SER B 214 12.00 7.98 13.71
CA SER B 214 12.34 7.34 12.45
C SER B 214 11.12 6.59 11.95
N LEU B 215 10.62 6.97 10.79
CA LEU B 215 9.36 6.41 10.30
C LEU B 215 9.59 5.97 8.86
N ILE B 216 9.15 4.76 8.56
CA ILE B 216 9.21 4.18 7.23
C ILE B 216 7.85 3.63 6.85
N ASP B 217 7.36 3.93 5.62
CA ASP B 217 6.17 3.26 5.14
C ASP B 217 6.41 2.75 3.70
N CYS B 218 5.44 1.99 3.22
CA CYS B 218 5.44 1.54 1.83
C CYS B 218 4.05 1.01 1.54
N GLY B 219 3.62 1.15 0.28
CA GLY B 219 2.43 0.37 -0.09
C GLY B 219 2.68 -1.14 -0.01
N THR B 220 1.62 -1.90 0.20
CA THR B 220 1.77 -3.35 0.16
C THR B 220 2.04 -3.89 -1.22
N ASN B 221 1.79 -3.05 -2.25
CA ASN B 221 1.87 -3.49 -3.65
C ASN B 221 2.71 -2.55 -4.47
N ASP B 222 3.85 -2.17 -3.90
CA ASP B 222 4.75 -1.26 -4.61
C ASP B 222 5.56 -1.99 -5.68
N SER B 223 5.25 -1.66 -6.95
CA SER B 223 5.84 -2.30 -8.12
C SER B 223 7.26 -1.81 -8.48
N VAL B 224 7.72 -0.77 -7.81
CA VAL B 224 9.00 -0.17 -8.17
C VAL B 224 10.03 -0.55 -7.11
N VAL B 225 9.70 -0.40 -5.83
CA VAL B 225 10.71 -0.73 -4.79
C VAL B 225 10.33 -2.00 -4.02
N GLY B 226 9.16 -2.57 -4.28
CA GLY B 226 8.91 -3.93 -3.78
C GLY B 226 9.06 -4.10 -2.27
N GLN B 227 9.92 -5.07 -1.92
CA GLN B 227 10.17 -5.42 -0.53
C GLN B 227 11.35 -4.67 0.09
N PHE B 228 11.93 -3.68 -0.60
CA PHE B 228 13.13 -3.07 -0.03
C PHE B 228 12.80 -2.24 1.21
N PRO B 229 11.69 -1.48 1.24
CA PRO B 229 11.38 -0.83 2.53
C PRO B 229 11.20 -1.82 3.68
N LYS B 230 10.48 -2.90 3.47
CA LYS B 230 10.35 -3.93 4.53
CA LYS B 230 10.37 -3.92 4.52
C LYS B 230 11.76 -4.47 4.91
N SER B 231 12.62 -4.67 3.92
CA SER B 231 13.95 -5.15 4.26
C SER B 231 14.65 -4.16 5.19
N TYR B 232 14.49 -2.87 4.95
CA TYR B 232 15.10 -1.90 5.85
C TYR B 232 14.51 -1.93 7.25
N HIS B 233 13.19 -2.07 7.34
CA HIS B 233 12.58 -2.33 8.63
C HIS B 233 13.23 -3.50 9.33
N GLU B 234 13.48 -4.57 8.57
CA GLU B 234 14.05 -5.76 9.21
C GLU B 234 15.50 -5.57 9.67
N ILE B 235 16.29 -4.87 8.84
CA ILE B 235 17.70 -4.56 9.19
C ILE B 235 17.75 -3.63 10.41
N LEU B 236 16.92 -2.55 10.40
CA LEU B 236 16.89 -1.67 11.59
C LEU B 236 16.48 -2.40 12.88
N THR B 237 15.48 -3.27 12.77
CA THR B 237 15.06 -4.10 13.91
C THR B 237 16.24 -4.95 14.44
N ARG B 238 16.88 -5.66 13.53
CA ARG B 238 18.02 -6.50 13.89
C ARG B 238 19.14 -5.67 14.59
N ASN B 239 19.33 -4.43 14.13
CA ASN B 239 20.33 -3.54 14.70
C ASN B 239 19.83 -2.77 15.93
N ASN B 240 18.65 -3.12 16.44
CA ASN B 240 18.09 -2.49 17.63
C ASN B 240 17.92 -0.98 17.45
N GLN B 241 17.51 -0.58 16.24
CA GLN B 241 17.31 0.83 15.92
C GLN B 241 15.79 1.15 16.04
N GLU B 242 15.38 1.89 17.07
CA GLU B 242 13.94 2.22 17.26
C GLU B 242 13.34 2.94 16.06
N HIS B 243 12.16 2.51 15.59
CA HIS B 243 11.59 3.15 14.40
C HIS B 243 10.14 2.67 14.28
N ILE B 244 9.41 3.41 13.46
CA ILE B 244 8.02 3.06 13.13
C ILE B 244 7.97 2.56 11.72
N TRP B 245 7.38 1.40 11.51
CA TRP B 245 7.15 0.84 10.18
C TRP B 245 5.67 0.51 10.00
N PHE B 246 5.10 0.95 8.87
CA PHE B 246 3.75 0.45 8.55
C PHE B 246 3.60 0.41 7.05
N GLU B 247 2.62 -0.34 6.62
CA GLU B 247 2.31 -0.48 5.20
C GLU B 247 0.93 0.14 4.90
N VAL B 248 0.80 0.62 3.68
CA VAL B 248 -0.43 1.26 3.17
C VAL B 248 -1.20 0.28 2.32
N PRO B 249 -2.36 -0.17 2.80
CA PRO B 249 -3.02 -1.32 2.19
C PRO B 249 -3.45 -1.06 0.74
N GLY B 250 -2.96 -1.92 -0.14
CA GLY B 250 -3.30 -1.88 -1.56
C GLY B 250 -2.48 -0.88 -2.36
N ALA B 251 -1.69 -0.05 -1.69
CA ALA B 251 -1.04 1.06 -2.45
C ALA B 251 0.17 0.54 -3.25
N ASP B 252 0.42 1.24 -4.37
CA ASP B 252 1.60 1.03 -5.22
C ASP B 252 2.57 2.18 -4.91
N HIS B 253 3.43 2.48 -5.86
CA HIS B 253 4.50 3.48 -5.71
C HIS B 253 3.85 4.86 -5.98
N ASP B 254 3.06 5.33 -4.99
CA ASP B 254 2.06 6.33 -5.39
C ASP B 254 1.78 7.38 -4.32
N TRP B 255 0.94 8.37 -4.64
CA TRP B 255 0.61 9.44 -3.70
C TRP B 255 -0.19 9.00 -2.49
N ASN B 256 -0.87 7.86 -2.56
CA ASN B 256 -1.52 7.30 -1.37
C ASN B 256 -0.40 6.95 -0.36
N ALA B 257 0.63 6.21 -0.80
CA ALA B 257 1.71 5.84 0.11
C ALA B 257 2.48 7.07 0.61
N ILE B 258 2.67 8.06 -0.26
CA ILE B 258 3.41 9.26 0.13
C ILE B 258 2.58 10.03 1.17
N SER B 259 1.33 10.34 0.86
CA SER B 259 0.54 11.14 1.78
C SER B 259 0.31 10.43 3.12
N ALA B 260 0.15 9.11 3.13
CA ALA B 260 0.02 8.42 4.41
C ALA B 260 1.29 8.62 5.21
N GLY B 261 2.44 8.48 4.57
CA GLY B 261 3.69 8.67 5.26
C GLY B 261 3.87 10.07 5.85
N PHE B 262 3.59 11.08 5.03
CA PHE B 262 3.84 12.46 5.46
C PHE B 262 2.82 12.84 6.53
N TYR B 263 1.56 12.35 6.44
CA TYR B 263 0.57 12.66 7.43
C TYR B 263 1.00 12.12 8.81
N ASN B 264 1.50 10.89 8.86
CA ASN B 264 1.87 10.35 10.18
C ASN B 264 3.20 11.03 10.63
N PHE B 265 4.10 11.30 9.70
CA PHE B 265 5.39 11.91 10.07
C PHE B 265 5.21 13.30 10.66
N ILE B 266 4.42 14.16 10.02
CA ILE B 266 4.28 15.54 10.47
C ILE B 266 3.52 15.66 11.81
N GLN B 267 2.72 14.66 12.19
CA GLN B 267 2.20 14.65 13.53
C GLN B 267 3.28 14.48 14.61
N THR B 268 4.46 13.98 14.22
CA THR B 268 5.49 13.72 15.23
C THR B 268 6.62 14.78 15.24
N THR B 269 6.71 15.59 14.16
CA THR B 269 7.92 16.40 14.05
C THR B 269 7.89 17.52 15.09
N PHE B 270 9.09 17.88 15.61
CA PHE B 270 9.30 19.10 16.39
C PHE B 270 8.47 19.10 17.68
N GLY B 271 8.29 17.90 18.23
CA GLY B 271 7.64 17.73 19.52
C GLY B 271 6.12 17.87 19.51
N ALA B 272 5.49 17.72 18.36
CA ALA B 272 4.06 18.00 18.22
C ALA B 272 3.21 17.08 19.06
N LEU B 273 3.68 15.87 19.31
CA LEU B 273 3.00 14.96 20.27
C LEU B 273 3.28 15.32 21.74
N ASN B 274 4.00 16.43 21.93
CA ASN B 274 4.44 16.91 23.24
C ASN B 274 5.50 15.99 23.82
N LYS C 3 -16.86 -38.58 32.43
CA LYS C 3 -16.99 -37.99 31.11
C LYS C 3 -15.96 -38.53 30.09
N LEU C 4 -14.78 -37.90 30.09
CA LEU C 4 -13.64 -38.23 29.23
C LEU C 4 -12.52 -38.88 30.03
N GLN C 5 -11.68 -39.66 29.39
CA GLN C 5 -10.56 -40.24 30.11
C GLN C 5 -9.29 -39.44 29.78
N ILE C 6 -8.86 -38.60 30.70
CA ILE C 6 -7.65 -37.80 30.50
CA ILE C 6 -7.66 -37.80 30.48
C ILE C 6 -6.42 -38.70 30.52
N SER C 7 -5.56 -38.53 29.52
CA SER C 7 -4.34 -39.32 29.43
CA SER C 7 -4.35 -39.31 29.37
C SER C 7 -3.11 -38.42 29.46
N ASN C 8 -2.07 -38.90 30.13
CA ASN C 8 -0.92 -38.03 30.34
C ASN C 8 0.11 -38.16 29.22
N THR C 9 -0.24 -38.91 28.17
CA THR C 9 0.54 -38.88 26.93
C THR C 9 -0.40 -38.99 25.75
N CYS C 10 0.12 -38.61 24.58
CA CYS C 10 -0.56 -38.93 23.33
C CYS C 10 -0.04 -40.22 22.74
N PRO C 11 -0.89 -41.25 22.53
CA PRO C 11 -0.39 -42.45 21.85
C PRO C 11 0.20 -42.14 20.48
N ASP C 12 1.24 -42.87 20.11
CA ASP C 12 1.90 -42.56 18.85
C ASP C 12 0.93 -42.64 17.69
N LYS C 13 -0.04 -43.53 17.78
CA LYS C 13 -0.94 -43.72 16.67
C LYS C 13 -1.89 -42.54 16.43
N TYR C 14 -2.10 -41.66 17.43
CA TYR C 14 -2.92 -40.49 17.13
C TYR C 14 -2.06 -39.33 16.62
N ARG C 15 -0.81 -39.22 17.03
CA ARG C 15 0.00 -38.01 16.62
C ARG C 15 0.79 -38.24 15.34
N THR C 16 0.63 -39.43 14.75
CA THR C 16 1.34 -39.84 13.53
CA THR C 16 1.32 -39.68 13.50
C THR C 16 0.36 -39.99 12.37
N LYS C 17 0.77 -39.65 11.15
CA LYS C 17 -0.03 -39.94 9.98
C LYS C 17 -0.04 -41.44 9.70
N GLN C 18 -1.24 -41.99 9.55
CA GLN C 18 -1.40 -43.42 9.37
C GLN C 18 -1.47 -43.73 7.89
N GLU C 19 -0.90 -44.87 7.54
CA GLU C 19 -0.95 -45.39 6.18
C GLU C 19 -2.37 -45.42 5.67
N GLY C 20 -2.56 -44.91 4.46
CA GLY C 20 -3.85 -44.97 3.81
C GLY C 20 -4.92 -44.05 4.38
N VAL C 21 -4.51 -43.10 5.20
CA VAL C 21 -5.43 -42.10 5.68
C VAL C 21 -5.08 -40.76 5.03
N GLU C 22 -6.11 -40.03 4.62
CA GLU C 22 -5.87 -38.70 4.11
C GLU C 22 -5.97 -37.63 5.21
N TYR C 23 -4.95 -36.76 5.21
CA TYR C 23 -4.85 -35.64 6.14
C TYR C 23 -5.02 -34.29 5.44
N PRO C 24 -5.57 -33.29 6.16
CA PRO C 24 -5.73 -31.98 5.54
C PRO C 24 -4.38 -31.29 5.31
N THR C 25 -4.39 -30.25 4.46
CA THR C 25 -3.17 -29.50 4.20
CA THR C 25 -3.22 -29.48 4.05
C THR C 25 -3.31 -28.04 4.57
N ALA C 26 -2.17 -27.43 4.94
CA ALA C 26 -2.14 -26.00 5.23
C ALA C 26 -2.03 -25.19 3.95
N LYS C 27 -2.78 -24.09 3.89
CA LYS C 27 -2.56 -23.08 2.85
C LYS C 27 -2.16 -21.79 3.54
N LYS C 28 -1.12 -21.13 3.01
CA LYS C 28 -0.71 -19.88 3.62
C LYS C 28 -1.51 -18.73 3.01
N ILE C 29 -2.12 -17.96 3.88
CA ILE C 29 -2.97 -16.84 3.51
C ILE C 29 -2.25 -15.55 3.89
N THR C 30 -2.24 -14.58 2.97
CA THR C 30 -1.63 -13.27 3.22
C THR C 30 -2.76 -12.27 3.31
N TYR C 31 -2.79 -11.49 4.38
CA TYR C 31 -3.94 -10.58 4.61
C TYR C 31 -3.44 -9.31 5.31
N TYR C 32 -4.21 -8.23 5.25
CA TYR C 32 -3.74 -6.96 5.85
C TYR C 32 -4.33 -6.80 7.25
N SER C 33 -3.50 -6.38 8.18
CA SER C 33 -3.93 -6.15 9.57
C SER C 33 -3.93 -4.67 9.91
N LYS C 34 -5.07 -4.11 10.26
CA LYS C 34 -5.12 -2.75 10.81
C LYS C 34 -4.53 -2.69 12.23
N VAL C 35 -4.27 -3.85 12.88
CA VAL C 35 -3.74 -3.84 14.23
C VAL C 35 -2.23 -3.66 14.19
N THR C 36 -1.57 -4.44 13.33
CA THR C 36 -0.10 -4.20 13.14
C THR C 36 0.18 -3.13 12.09
N GLU C 37 -0.86 -2.72 11.35
CA GLU C 37 -0.74 -1.86 10.17
C GLU C 37 0.23 -2.40 9.14
N THR C 38 0.25 -3.72 8.98
CA THR C 38 1.12 -4.38 8.01
C THR C 38 0.41 -5.60 7.41
N GLU C 39 0.95 -6.09 6.31
CA GLU C 39 0.51 -7.34 5.72
C GLU C 39 1.06 -8.49 6.55
N ARG C 40 0.23 -9.49 6.80
CA ARG C 40 0.60 -10.60 7.70
C ARG C 40 0.26 -11.91 7.05
N LYS C 41 0.71 -13.00 7.70
CA LYS C 41 0.42 -14.33 7.17
C LYS C 41 -0.16 -15.22 8.23
N MET C 42 -0.99 -16.15 7.81
CA MET C 42 -1.46 -17.26 8.70
C MET C 42 -1.65 -18.50 7.84
N ASN C 43 -1.63 -19.68 8.45
CA ASN C 43 -2.02 -20.88 7.71
C ASN C 43 -3.47 -21.23 8.03
N VAL C 44 -4.21 -21.55 6.98
CA VAL C 44 -5.56 -22.06 7.14
C VAL C 44 -5.56 -23.50 6.69
N ILE C 45 -6.06 -24.36 7.58
CA ILE C 45 -6.10 -25.79 7.29
C ILE C 45 -7.56 -26.22 7.23
N LEU C 46 -8.07 -26.38 6.00
CA LEU C 46 -9.44 -26.83 5.83
C LEU C 46 -9.59 -28.34 6.00
N PRO C 47 -10.73 -28.78 6.56
CA PRO C 47 -10.96 -30.21 6.75
C PRO C 47 -10.97 -30.97 5.41
N VAL C 48 -10.61 -32.24 5.46
CA VAL C 48 -10.68 -33.08 4.27
C VAL C 48 -12.12 -33.07 3.79
N GLY C 49 -12.35 -32.87 2.50
CA GLY C 49 -13.70 -32.90 1.98
C GLY C 49 -14.46 -31.62 2.27
N TYR C 50 -13.74 -30.55 2.59
CA TYR C 50 -14.34 -29.27 2.89
C TYR C 50 -15.39 -28.88 1.88
N ASP C 51 -16.58 -28.58 2.39
CA ASP C 51 -17.75 -28.31 1.58
C ASP C 51 -18.33 -26.99 2.00
N GLU C 52 -18.31 -26.04 1.07
CA GLU C 52 -18.69 -24.67 1.32
C GLU C 52 -20.15 -24.55 1.70
N ASN C 53 -20.91 -25.58 1.43
CA ASN C 53 -22.33 -25.63 1.79
C ASN C 53 -22.54 -26.08 3.23
N LYS C 54 -21.47 -26.54 3.88
CA LYS C 54 -21.53 -26.94 5.28
C LYS C 54 -20.83 -25.85 6.08
N LYS C 55 -21.02 -25.80 7.39
CA LYS C 55 -20.24 -24.85 8.18
C LYS C 55 -19.48 -25.61 9.23
N TYR C 56 -18.30 -25.09 9.56
CA TYR C 56 -17.37 -25.77 10.46
C TYR C 56 -16.93 -24.90 11.61
N PRO C 57 -16.76 -25.51 12.79
CA PRO C 57 -16.15 -24.80 13.90
C PRO C 57 -14.65 -24.59 13.64
N VAL C 58 -14.03 -23.68 14.39
CA VAL C 58 -12.68 -23.23 14.11
C VAL C 58 -11.83 -23.35 15.38
N VAL C 59 -10.62 -23.91 15.25
CA VAL C 59 -9.60 -23.86 16.29
CA VAL C 59 -9.64 -23.80 16.35
C VAL C 59 -8.50 -22.94 15.87
N TYR C 60 -8.19 -21.95 16.68
CA TYR C 60 -6.98 -21.12 16.43
C TYR C 60 -5.87 -21.66 17.30
N TYR C 61 -4.74 -22.02 16.70
CA TYR C 61 -3.66 -22.72 17.42
C TYR C 61 -2.40 -21.86 17.35
N LEU C 62 -1.97 -21.41 18.53
CA LEU C 62 -0.94 -20.34 18.65
C LEU C 62 0.46 -20.90 18.99
N HIS C 63 1.46 -20.54 18.18
CA HIS C 63 2.84 -20.94 18.41
C HIS C 63 3.46 -20.21 19.59
N GLY C 64 4.69 -20.61 19.92
CA GLY C 64 5.39 -20.01 21.06
C GLY C 64 6.35 -18.86 20.71
N LEU C 65 7.15 -18.47 21.70
CA LEU C 65 8.07 -17.40 21.52
C LEU C 65 9.06 -17.74 20.42
N MET C 66 9.42 -16.74 19.62
CA MET C 66 10.44 -16.93 18.58
C MET C 66 10.07 -17.95 17.50
N SER C 67 8.76 -18.11 17.28
CA SER C 67 8.25 -18.99 16.22
C SER C 67 7.36 -18.17 15.32
N TYR C 68 6.70 -18.84 14.39
CA TYR C 68 5.87 -18.10 13.40
C TYR C 68 4.81 -19.05 12.90
N GLU C 69 4.07 -18.65 11.85
CA GLU C 69 2.82 -19.36 11.55
C GLU C 69 3.04 -20.79 11.08
N ASP C 70 4.24 -21.12 10.62
CA ASP C 70 4.51 -22.51 10.19
C ASP C 70 4.98 -23.43 11.31
N SER C 71 5.25 -22.87 12.49
CA SER C 71 6.01 -23.63 13.49
C SER C 71 5.20 -24.83 14.03
N MET C 72 3.89 -24.68 14.16
CA MET C 72 3.15 -25.82 14.72
C MET C 72 2.98 -26.95 13.70
N LEU C 73 3.50 -26.77 12.49
CA LEU C 73 3.48 -27.84 11.50
C LEU C 73 4.78 -28.67 11.52
N GLU C 74 5.72 -28.29 12.38
CA GLU C 74 7.02 -28.97 12.38
C GLU C 74 6.92 -30.37 12.91
N ASP C 75 5.84 -30.68 13.61
CA ASP C 75 5.54 -32.04 14.05
C ASP C 75 4.17 -32.41 13.52
N ASP C 76 3.99 -33.67 13.11
CA ASP C 76 2.73 -34.06 12.47
C ASP C 76 1.50 -34.11 13.42
N SER C 77 1.71 -33.95 14.72
CA SER C 77 0.57 -34.09 15.66
C SER C 77 -0.52 -33.05 15.34
N THR C 78 -0.17 -31.87 14.81
CA THR C 78 -1.16 -30.83 14.56
C THR C 78 -2.14 -31.29 13.50
N LEU C 79 -1.61 -31.79 12.38
CA LEU C 79 -2.47 -32.27 11.31
C LEU C 79 -3.04 -33.65 11.61
N ALA C 80 -2.31 -34.50 12.33
CA ALA C 80 -2.72 -35.88 12.47
C ALA C 80 -3.79 -36.08 13.56
N ILE C 81 -3.71 -35.34 14.69
CA ILE C 81 -4.58 -35.67 15.81
C ILE C 81 -6.08 -35.47 15.50
N PRO C 82 -6.45 -34.33 14.90
CA PRO C 82 -7.90 -34.18 14.71
C PRO C 82 -8.49 -35.17 13.70
N THR C 83 -7.77 -35.49 12.62
CA THR C 83 -8.25 -36.49 11.66
C THR C 83 -8.28 -37.87 12.28
N ASN C 84 -7.22 -38.20 13.03
CA ASN C 84 -7.17 -39.54 13.63
C ASN C 84 -8.24 -39.73 14.70
N LEU C 85 -8.56 -38.67 15.45
CA LEU C 85 -9.70 -38.77 16.39
C LEU C 85 -11.06 -38.83 15.66
N LEU C 86 -11.20 -37.99 14.64
CA LEU C 86 -12.37 -38.00 13.80
C LEU C 86 -12.69 -39.40 13.25
N LYS C 87 -11.68 -40.10 12.77
CA LYS C 87 -11.87 -41.44 12.21
C LYS C 87 -12.57 -42.38 13.21
N GLU C 88 -12.31 -42.16 14.50
CA GLU C 88 -12.90 -42.98 15.55
C GLU C 88 -14.17 -42.37 16.15
N GLY C 89 -14.67 -41.31 15.52
CA GLY C 89 -15.82 -40.59 16.03
C GLY C 89 -15.53 -39.87 17.33
N ARG C 90 -14.28 -39.48 17.55
CA ARG C 90 -13.91 -38.87 18.82
C ARG C 90 -13.54 -37.39 18.70
N ALA C 91 -13.74 -36.84 17.50
CA ALA C 91 -13.57 -35.41 17.31
C ALA C 91 -14.53 -34.97 16.20
N LYS C 92 -14.81 -33.67 16.16
CA LYS C 92 -15.64 -33.10 15.11
C LYS C 92 -14.75 -32.64 13.96
N GLU C 93 -15.32 -32.59 12.75
CA GLU C 93 -14.68 -31.90 11.61
C GLU C 93 -14.50 -30.43 11.96
N MET C 94 -13.38 -29.85 11.59
CA MET C 94 -13.06 -28.48 12.05
C MET C 94 -12.10 -27.84 11.06
N ILE C 95 -12.03 -26.52 11.11
CA ILE C 95 -10.99 -25.75 10.42
C ILE C 95 -9.92 -25.41 11.46
N ILE C 96 -8.66 -25.59 11.11
CA ILE C 96 -7.57 -25.22 12.01
C ILE C 96 -6.86 -23.99 11.43
N VAL C 97 -6.66 -22.96 12.25
CA VAL C 97 -5.93 -21.73 11.80
C VAL C 97 -4.66 -21.60 12.63
N LEU C 98 -3.51 -21.41 11.97
CA LEU C 98 -2.26 -21.18 12.68
C LEU C 98 -1.81 -19.73 12.38
N PRO C 99 -2.08 -18.83 13.33
CA PRO C 99 -1.65 -17.45 13.11
C PRO C 99 -0.15 -17.23 13.33
N ASP C 100 0.31 -16.07 12.86
CA ASP C 100 1.55 -15.49 13.35
C ASP C 100 1.15 -14.70 14.60
N VAL C 101 1.59 -15.14 15.80
CA VAL C 101 1.06 -14.61 17.04
C VAL C 101 1.78 -13.29 17.39
N TYR C 102 2.96 -13.02 16.78
CA TYR C 102 3.68 -11.84 17.15
C TYR C 102 3.14 -10.64 16.36
N ALA C 103 2.26 -9.88 17.02
CA ALA C 103 1.49 -8.81 16.35
C ALA C 103 1.71 -7.46 17.02
N PRO C 104 2.95 -6.93 16.94
CA PRO C 104 3.29 -5.68 17.58
C PRO C 104 2.58 -4.47 16.95
N LYS C 105 2.16 -3.52 17.80
CA LYS C 105 1.75 -2.26 17.21
C LYS C 105 2.97 -1.51 16.62
N PRO C 106 2.72 -0.68 15.61
CA PRO C 106 3.86 -0.04 14.96
C PRO C 106 4.69 0.76 15.93
N GLY C 107 5.99 0.70 15.74
CA GLY C 107 6.94 1.34 16.65
C GLY C 107 7.34 0.41 17.82
N THR C 108 6.71 -0.75 17.99
CA THR C 108 7.13 -1.61 19.08
C THR C 108 7.68 -2.95 18.58
N ALA C 109 7.85 -3.12 17.27
CA ALA C 109 8.41 -4.34 16.74
C ALA C 109 9.90 -4.39 17.03
N VAL C 110 10.32 -5.48 17.67
CA VAL C 110 11.71 -5.73 18.04
C VAL C 110 12.17 -7.14 17.71
N THR C 111 13.48 -7.33 17.77
CA THR C 111 14.09 -8.66 17.58
CA THR C 111 14.09 -8.67 17.58
C THR C 111 13.56 -9.67 18.59
N PRO C 112 13.24 -10.89 18.13
CA PRO C 112 12.79 -11.90 19.13
C PRO C 112 13.86 -12.15 20.17
N ASP C 113 13.43 -12.12 21.45
CA ASP C 113 14.35 -12.29 22.58
C ASP C 113 13.49 -12.39 23.83
N PHE C 114 14.11 -12.75 24.95
CA PHE C 114 13.41 -12.81 26.23
C PHE C 114 13.42 -11.43 26.83
N ASN C 115 12.55 -10.55 26.32
CA ASN C 115 12.40 -9.27 26.98
C ASN C 115 11.03 -8.72 26.82
N PRO C 116 10.66 -7.85 27.74
CA PRO C 116 9.28 -7.40 27.88
C PRO C 116 8.78 -6.69 26.64
N GLU C 117 9.67 -6.03 25.92
CA GLU C 117 9.18 -5.28 24.74
C GLU C 117 8.74 -6.26 23.66
N TYR C 118 9.45 -7.39 23.51
CA TYR C 118 9.06 -8.41 22.54
C TYR C 118 7.73 -9.06 22.97
N TYR C 119 7.58 -9.33 24.27
CA TYR C 119 6.35 -10.00 24.74
C TYR C 119 5.12 -9.18 24.38
N LYS C 120 5.26 -7.87 24.33
CA LYS C 120 4.08 -7.01 24.10
C LYS C 120 3.37 -7.32 22.80
N GLY C 121 4.11 -7.76 21.79
CA GLY C 121 3.49 -8.09 20.51
C GLY C 121 2.59 -9.33 20.63
N TYR C 122 2.95 -10.28 21.50
CA TYR C 122 2.08 -11.42 21.78
C TYR C 122 0.86 -10.95 22.56
N ASP C 123 1.07 -10.05 23.52
CA ASP C 123 -0.09 -9.54 24.27
C ASP C 123 -1.05 -8.86 23.32
N ASN C 124 -0.52 -8.19 22.31
CA ASN C 124 -1.40 -7.43 21.40
C ASN C 124 -2.17 -8.35 20.45
N PHE C 125 -1.83 -9.63 20.45
CA PHE C 125 -2.51 -10.58 19.58
C PHE C 125 -4.00 -10.65 19.92
N ILE C 126 -4.39 -10.35 21.16
CA ILE C 126 -5.86 -10.36 21.42
C ILE C 126 -6.59 -9.44 20.39
N ASN C 127 -5.98 -8.32 20.03
CA ASN C 127 -6.60 -7.42 19.08
C ASN C 127 -6.56 -7.96 17.66
N GLU C 128 -5.41 -8.51 17.28
CA GLU C 128 -5.26 -9.14 15.98
C GLU C 128 -6.32 -10.22 15.78
N LEU C 129 -6.48 -11.09 16.79
CA LEU C 129 -7.47 -12.19 16.64
C LEU C 129 -8.88 -11.67 16.50
N ILE C 130 -9.28 -10.80 17.43
CA ILE C 130 -10.69 -10.37 17.51
C ILE C 130 -11.05 -9.39 16.39
N GLU C 131 -10.16 -8.45 16.10
CA GLU C 131 -10.46 -7.42 15.12
C GLU C 131 -10.10 -7.73 13.68
N VAL C 132 -9.17 -8.68 13.48
CA VAL C 132 -8.71 -8.93 12.09
C VAL C 132 -8.93 -10.37 11.65
N ILE C 133 -8.39 -11.34 12.40
CA ILE C 133 -8.39 -12.73 11.92
C ILE C 133 -9.82 -13.31 11.98
N MET C 134 -10.52 -13.14 13.09
CA MET C 134 -11.89 -13.74 13.18
C MET C 134 -12.79 -13.12 12.10
N PRO C 135 -12.76 -11.79 11.88
CA PRO C 135 -13.62 -11.29 10.79
C PRO C 135 -13.18 -11.83 9.45
N TYR C 136 -11.87 -12.01 9.25
CA TYR C 136 -11.37 -12.57 7.98
C TYR C 136 -11.93 -13.95 7.76
N MET C 137 -11.83 -14.81 8.76
CA MET C 137 -12.33 -16.18 8.63
C MET C 137 -13.83 -16.20 8.38
N GLU C 138 -14.59 -15.33 9.03
CA GLU C 138 -16.04 -15.31 8.75
C GLU C 138 -16.39 -14.87 7.32
N GLU C 139 -15.62 -13.92 6.78
CA GLU C 139 -15.85 -13.42 5.46
C GLU C 139 -15.39 -14.37 4.33
N HIS C 140 -14.36 -15.18 4.60
CA HIS C 140 -13.72 -15.96 3.52
C HIS C 140 -14.00 -17.47 3.57
N TYR C 141 -14.47 -18.00 4.69
CA TYR C 141 -14.67 -19.45 4.83
C TYR C 141 -16.06 -19.72 5.40
N SER C 142 -16.52 -20.94 5.24
CA SER C 142 -17.82 -21.30 5.72
C SER C 142 -17.71 -21.76 7.16
N ILE C 143 -17.78 -20.83 8.09
CA ILE C 143 -17.56 -21.19 9.49
C ILE C 143 -18.83 -21.12 10.31
N LEU C 144 -18.78 -21.86 11.42
CA LEU C 144 -19.72 -21.68 12.51
C LEU C 144 -19.18 -20.61 13.43
N THR C 145 -20.05 -19.72 13.91
CA THR C 145 -19.58 -18.69 14.84
C THR C 145 -20.11 -18.88 16.26
N GLY C 146 -19.58 -18.05 17.17
CA GLY C 146 -20.02 -18.09 18.55
C GLY C 146 -19.13 -18.97 19.42
N ARG C 147 -19.21 -18.83 20.72
CA ARG C 147 -18.27 -19.50 21.59
C ARG C 147 -18.32 -21.01 21.50
N GLU C 148 -19.51 -21.55 21.26
CA GLU C 148 -19.65 -23.00 21.19
C GLU C 148 -18.85 -23.61 20.03
N ASN C 149 -18.46 -22.75 19.07
CA ASN C 149 -17.86 -23.17 17.83
C ASN C 149 -16.46 -22.62 17.65
N THR C 150 -15.87 -22.14 18.74
CA THR C 150 -14.60 -21.43 18.62
C THR C 150 -13.66 -21.91 19.72
N ALA C 151 -12.52 -22.44 19.31
CA ALA C 151 -11.48 -22.93 20.28
C ALA C 151 -10.20 -22.11 20.07
N LEU C 152 -9.44 -21.95 21.15
CA LEU C 152 -8.16 -21.20 21.12
C LEU C 152 -7.17 -22.00 21.93
N CYS C 153 -6.09 -22.49 21.34
CA CYS C 153 -5.10 -23.17 22.13
C CYS C 153 -3.73 -22.77 21.63
N GLY C 154 -2.71 -23.22 22.36
CA GLY C 154 -1.36 -22.76 22.01
C GLY C 154 -0.30 -23.45 22.84
N PHE C 155 0.95 -23.24 22.41
CA PHE C 155 2.13 -23.72 23.09
C PHE C 155 2.89 -22.56 23.70
N SER C 156 3.25 -22.71 24.97
CA SER C 156 4.17 -21.81 25.70
C SER C 156 3.77 -20.37 25.63
N MET C 157 4.48 -19.48 24.94
CA MET C 157 3.91 -18.12 24.86
C MET C 157 2.51 -18.09 24.24
N GLY C 158 2.27 -18.98 23.29
CA GLY C 158 0.95 -19.05 22.66
C GLY C 158 -0.12 -19.58 23.61
N ALA C 159 0.30 -20.41 24.57
CA ALA C 159 -0.61 -20.92 25.58
C ALA C 159 -0.92 -19.84 26.64
N ARG C 160 0.08 -19.03 27.01
CA ARG C 160 -0.14 -17.88 27.88
C ARG C 160 -1.16 -16.95 27.18
N THR C 161 -0.94 -16.75 25.88
CA THR C 161 -1.82 -15.85 25.12
C THR C 161 -3.25 -16.45 25.00
N SER C 162 -3.37 -17.75 24.80
CA SER C 162 -4.67 -18.44 24.79
C SER C 162 -5.42 -18.31 26.08
N LEU C 163 -4.73 -18.52 27.21
CA LEU C 163 -5.41 -18.34 28.50
C LEU C 163 -5.85 -16.89 28.71
N TYR C 164 -4.96 -15.93 28.39
CA TYR C 164 -5.32 -14.56 28.57
C TYR C 164 -6.59 -14.20 27.77
N ILE C 165 -6.59 -14.50 26.48
CA ILE C 165 -7.74 -14.15 25.63
C ILE C 165 -8.97 -14.94 26.05
N GLY C 166 -8.77 -16.22 26.32
CA GLY C 166 -9.91 -17.10 26.73
C GLY C 166 -10.65 -16.67 27.99
N TYR C 167 -9.93 -16.08 28.96
CA TYR C 167 -10.60 -15.62 30.17
C TYR C 167 -11.01 -14.16 30.10
N MET C 168 -10.29 -13.33 29.32
CA MET C 168 -10.74 -11.94 29.17
C MET C 168 -11.91 -11.80 28.24
N ARG C 169 -12.00 -12.70 27.23
CA ARG C 169 -13.11 -12.65 26.24
C ARG C 169 -13.72 -14.02 26.11
N SER C 170 -14.19 -14.52 27.25
CA SER C 170 -14.83 -15.84 27.27
C SER C 170 -16.18 -15.81 26.54
N ASP C 171 -16.70 -14.61 26.25
CA ASP C 171 -17.90 -14.48 25.41
C ASP C 171 -17.64 -14.97 24.00
N LEU C 172 -16.37 -14.87 23.54
CA LEU C 172 -16.05 -15.30 22.20
C LEU C 172 -15.47 -16.69 22.10
N ILE C 173 -14.77 -17.09 23.15
CA ILE C 173 -13.97 -18.35 23.11
C ILE C 173 -14.60 -19.41 24.02
N GLY C 174 -15.02 -20.55 23.47
CA GLY C 174 -15.68 -21.58 24.26
C GLY C 174 -14.68 -22.59 24.83
N TYR C 175 -13.55 -22.79 24.14
CA TYR C 175 -12.64 -23.91 24.47
C TYR C 175 -11.26 -23.32 24.50
N VAL C 176 -10.55 -23.50 25.63
CA VAL C 176 -9.22 -22.90 25.81
C VAL C 176 -8.21 -24.00 26.14
N GLY C 177 -7.11 -24.09 25.37
CA GLY C 177 -6.12 -25.13 25.62
C GLY C 177 -4.72 -24.51 25.75
N ALA C 178 -4.03 -24.83 26.85
CA ALA C 178 -2.76 -24.17 27.11
C ALA C 178 -1.70 -25.24 27.37
N PHE C 179 -0.79 -25.41 26.41
CA PHE C 179 0.18 -26.50 26.49
C PHE C 179 1.50 -25.86 26.93
N ALA C 180 1.91 -26.11 28.16
CA ALA C 180 3.11 -25.53 28.80
C ALA C 180 3.12 -24.00 28.72
N PRO C 181 2.10 -23.34 29.28
CA PRO C 181 2.07 -21.86 29.13
C PRO C 181 3.23 -21.14 29.86
N ALA C 182 3.66 -20.08 29.21
CA ALA C 182 4.79 -19.25 29.66
C ALA C 182 4.45 -18.44 30.91
N PRO C 183 5.49 -18.01 31.65
CA PRO C 183 5.29 -17.10 32.78
C PRO C 183 4.67 -15.78 32.35
N GLY C 184 4.03 -15.11 33.30
CA GLY C 184 3.71 -13.70 33.10
C GLY C 184 2.25 -13.41 32.80
N ILE C 185 1.35 -14.43 32.80
CA ILE C 185 -0.06 -14.06 32.74
C ILE C 185 -0.36 -13.19 34.00
N THR C 186 0.18 -13.68 35.11
CA THR C 186 0.08 -13.01 36.41
C THR C 186 1.51 -12.66 36.88
N PRO C 187 1.67 -11.93 38.00
CA PRO C 187 3.04 -11.56 38.35
C PRO C 187 3.96 -12.75 38.72
N GLY C 188 5.24 -12.62 38.37
CA GLY C 188 6.18 -13.69 38.76
C GLY C 188 7.59 -13.29 38.44
N GLU C 189 8.49 -14.24 38.57
CA GLU C 189 9.91 -13.96 38.43
C GLU C 189 10.52 -15.18 37.81
N ASP C 190 11.37 -15.04 36.81
CA ASP C 190 12.14 -16.22 36.37
C ASP C 190 13.53 -15.87 35.88
N SER C 191 14.25 -16.93 35.46
CA SER C 191 15.64 -16.73 35.10
C SER C 191 15.82 -16.21 33.66
N PHE C 192 14.80 -16.32 32.82
CA PHE C 192 14.96 -15.89 31.46
C PHE C 192 14.81 -14.38 31.32
N SER C 193 13.82 -13.78 31.99
CA SER C 193 13.76 -12.31 31.89
C SER C 193 13.45 -11.63 33.20
N GLY C 194 13.61 -12.33 34.31
CA GLY C 194 13.62 -11.63 35.58
C GLY C 194 12.17 -11.34 35.98
N LYS C 195 11.90 -10.08 36.27
CA LYS C 195 10.56 -9.70 36.77
C LYS C 195 9.50 -9.74 35.66
N HIS C 196 8.34 -10.35 35.98
CA HIS C 196 7.18 -10.29 35.09
C HIS C 196 6.12 -9.56 35.84
N GLU C 197 5.69 -8.39 35.31
CA GLU C 197 4.71 -7.61 36.03
C GLU C 197 3.38 -8.30 36.09
N GLY C 198 3.10 -9.11 35.06
CA GLY C 198 1.81 -9.81 34.94
C GLY C 198 0.85 -8.99 34.09
N LEU C 199 0.19 -9.65 33.15
CA LEU C 199 -0.89 -9.01 32.40
C LEU C 199 -2.07 -8.59 33.30
N ILE C 200 -2.35 -9.44 34.29
CA ILE C 200 -3.49 -9.29 35.23
C ILE C 200 -3.00 -9.77 36.59
N SER C 201 -3.71 -9.43 37.65
CA SER C 201 -3.41 -9.99 38.95
C SER C 201 -3.95 -11.40 39.05
N GLU C 202 -3.45 -12.14 40.01
CA GLU C 202 -3.97 -13.52 40.26
C GLU C 202 -5.51 -13.44 40.43
N ASP C 203 -6.02 -12.49 41.20
CA ASP C 203 -7.47 -12.40 41.45
C ASP C 203 -8.28 -12.09 40.19
N GLU C 204 -7.65 -11.45 39.22
CA GLU C 204 -8.35 -11.16 37.96
C GLU C 204 -8.35 -12.33 36.96
N PHE C 205 -7.63 -13.39 37.26
CA PHE C 205 -7.51 -14.51 36.32
C PHE C 205 -8.72 -15.45 36.50
N ARG C 206 -9.83 -15.01 35.89
CA ARG C 206 -11.14 -15.62 36.14
CA ARG C 206 -11.10 -15.71 36.07
C ARG C 206 -12.10 -15.11 35.11
N ALA C 207 -13.25 -15.77 34.96
CA ALA C 207 -14.31 -15.20 34.13
C ALA C 207 -15.66 -15.62 34.71
N GLU C 208 -16.62 -14.70 34.76
CA GLU C 208 -17.92 -15.08 35.32
C GLU C 208 -18.55 -16.13 34.42
N ILE C 209 -18.52 -15.88 33.10
CA ILE C 209 -18.93 -16.91 32.11
C ILE C 209 -17.70 -17.76 31.81
N GLN C 210 -17.64 -18.97 32.36
CA GLN C 210 -16.35 -19.66 32.25
C GLN C 210 -16.25 -20.39 30.87
N PRO C 211 -15.03 -20.71 30.47
CA PRO C 211 -14.89 -21.58 29.29
C PRO C 211 -15.70 -22.82 29.41
N ILE C 212 -16.20 -23.31 28.27
CA ILE C 212 -16.85 -24.64 28.25
C ILE C 212 -15.82 -25.67 28.65
N VAL C 213 -14.64 -25.62 28.06
CA VAL C 213 -13.54 -26.48 28.46
C VAL C 213 -12.30 -25.61 28.60
N SER C 214 -11.57 -25.73 29.71
CA SER C 214 -10.26 -25.10 29.89
C SER C 214 -9.26 -26.20 30.26
N LEU C 215 -8.17 -26.33 29.53
CA LEU C 215 -7.23 -27.43 29.71
C LEU C 215 -5.84 -26.90 29.74
N ILE C 216 -5.05 -27.34 30.72
CA ILE C 216 -3.65 -26.90 30.81
C ILE C 216 -2.79 -28.16 31.01
N ASP C 217 -1.66 -28.30 30.30
CA ASP C 217 -0.73 -29.36 30.68
C ASP C 217 0.70 -28.82 30.69
N CYS C 218 1.63 -29.66 31.13
CA CYS C 218 3.06 -29.28 31.09
C CYS C 218 3.83 -30.54 31.34
N GLY C 219 5.03 -30.66 30.74
CA GLY C 219 5.90 -31.78 31.12
C GLY C 219 6.32 -31.60 32.60
N THR C 220 6.70 -32.69 33.26
CA THR C 220 7.18 -32.52 34.61
C THR C 220 8.57 -31.90 34.67
N ASN C 221 9.29 -31.92 33.55
CA ASN C 221 10.69 -31.49 33.52
C ASN C 221 10.92 -30.39 32.45
N ASP C 222 10.00 -29.42 32.43
CA ASP C 222 10.09 -28.39 31.43
C ASP C 222 11.10 -27.32 31.88
N SER C 223 12.22 -27.26 31.18
CA SER C 223 13.35 -26.43 31.61
C SER C 223 13.13 -24.98 31.18
N VAL C 224 12.06 -24.71 30.44
CA VAL C 224 11.86 -23.37 29.89
C VAL C 224 10.78 -22.62 30.68
N VAL C 225 9.68 -23.29 30.99
CA VAL C 225 8.58 -22.58 31.70
C VAL C 225 8.41 -23.16 33.13
N GLY C 226 9.19 -24.19 33.48
CA GLY C 226 9.24 -24.69 34.86
C GLY C 226 7.88 -24.90 35.49
N GLN C 227 7.66 -24.21 36.60
CA GLN C 227 6.44 -24.43 37.41
C GLN C 227 5.34 -23.43 37.07
N PHE C 228 5.53 -22.62 36.03
CA PHE C 228 4.48 -21.60 35.73
C PHE C 228 3.15 -22.22 35.34
N PRO C 229 3.13 -23.29 34.51
CA PRO C 229 1.81 -23.90 34.25
C PRO C 229 1.17 -24.35 35.54
N LYS C 230 1.90 -25.06 36.40
CA LYS C 230 1.33 -25.48 37.68
C LYS C 230 0.79 -24.27 38.46
N SER C 231 1.52 -23.14 38.41
CA SER C 231 1.03 -21.97 39.13
C SER C 231 -0.32 -21.49 38.59
N TYR C 232 -0.52 -21.56 37.28
CA TYR C 232 -1.82 -21.19 36.71
C TYR C 232 -2.91 -22.19 37.11
N HIS C 233 -2.58 -23.47 37.12
CA HIS C 233 -3.55 -24.45 37.65
C HIS C 233 -3.98 -24.07 39.06
N GLU C 234 -2.99 -23.70 39.88
CA GLU C 234 -3.31 -23.35 41.27
C GLU C 234 -4.17 -22.07 41.41
N ILE C 235 -3.81 -21.04 40.63
CA ILE C 235 -4.60 -19.80 40.62
C ILE C 235 -6.03 -20.08 40.16
N LEU C 236 -6.20 -20.77 39.04
CA LEU C 236 -7.54 -21.05 38.53
C LEU C 236 -8.33 -21.85 39.54
N THR C 237 -7.70 -22.86 40.14
CA THR C 237 -8.45 -23.66 41.14
C THR C 237 -8.91 -22.79 42.30
N ARG C 238 -8.02 -21.97 42.87
CA ARG C 238 -8.44 -21.11 44.00
C ARG C 238 -9.51 -20.09 43.58
N ASN C 239 -9.50 -19.71 42.31
CA ASN C 239 -10.49 -18.78 41.79
C ASN C 239 -11.79 -19.45 41.36
N ASN C 240 -11.95 -20.73 41.68
CA ASN C 240 -13.21 -21.49 41.35
C ASN C 240 -13.40 -21.61 39.86
N GLN C 241 -12.29 -21.68 39.12
CA GLN C 241 -12.40 -21.79 37.66
C GLN C 241 -12.24 -23.24 37.27
N GLU C 242 -13.30 -23.87 36.78
CA GLU C 242 -13.23 -25.30 36.39
C GLU C 242 -12.24 -25.50 35.23
N HIS C 243 -11.40 -26.53 35.32
CA HIS C 243 -10.48 -26.79 34.22
C HIS C 243 -9.83 -28.15 34.43
N ILE C 244 -9.18 -28.59 33.36
CA ILE C 244 -8.40 -29.86 33.37
C ILE C 244 -6.91 -29.52 33.47
N TRP C 245 -6.19 -30.14 34.40
CA TRP C 245 -4.73 -30.00 34.54
C TRP C 245 -4.09 -31.38 34.66
N PHE C 246 -3.04 -31.60 33.87
CA PHE C 246 -2.24 -32.80 34.08
C PHE C 246 -0.82 -32.51 33.65
N GLU C 247 0.10 -33.36 34.11
CA GLU C 247 1.53 -33.27 33.76
C GLU C 247 1.97 -34.49 33.01
N VAL C 248 2.83 -34.28 32.02
CA VAL C 248 3.35 -35.35 31.17
C VAL C 248 4.67 -35.86 31.76
N PRO C 249 4.71 -37.10 32.23
CA PRO C 249 5.84 -37.53 33.06
C PRO C 249 7.13 -37.60 32.24
N GLY C 250 8.11 -36.88 32.75
CA GLY C 250 9.45 -36.88 32.18
C GLY C 250 9.60 -35.88 31.03
N ALA C 251 8.51 -35.27 30.58
CA ALA C 251 8.65 -34.44 29.36
C ALA C 251 9.23 -33.07 29.67
N ASP C 252 9.93 -32.52 28.66
CA ASP C 252 10.50 -31.18 28.73
C ASP C 252 9.61 -30.26 27.87
N HIS C 253 10.20 -29.21 27.34
CA HIS C 253 9.46 -28.18 26.62
C HIS C 253 9.37 -28.63 25.17
N ASP C 254 8.56 -29.67 24.93
CA ASP C 254 8.77 -30.48 23.75
C ASP C 254 7.45 -31.03 23.13
N TRP C 255 7.59 -31.72 22.00
CA TRP C 255 6.41 -32.21 21.31
C TRP C 255 5.69 -33.36 22.03
N ASN C 256 6.35 -34.03 22.98
CA ASN C 256 5.58 -34.95 23.86
C ASN C 256 4.57 -34.22 24.71
N ALA C 257 5.00 -33.10 25.32
CA ALA C 257 4.08 -32.28 26.11
C ALA C 257 3.01 -31.64 25.21
N ILE C 258 3.40 -31.17 24.02
CA ILE C 258 2.42 -30.49 23.17
C ILE C 258 1.38 -31.49 22.65
N SER C 259 1.85 -32.62 22.13
CA SER C 259 0.88 -33.58 21.57
C SER C 259 -0.04 -34.17 22.63
N ALA C 260 0.46 -34.38 23.85
CA ALA C 260 -0.47 -34.84 24.91
C ALA C 260 -1.58 -33.78 25.18
N GLY C 261 -1.17 -32.52 25.20
CA GLY C 261 -2.17 -31.49 25.42
C GLY C 261 -3.21 -31.41 24.30
N PHE C 262 -2.74 -31.39 23.06
CA PHE C 262 -3.65 -31.25 21.89
C PHE C 262 -4.56 -32.48 21.74
N TYR C 263 -4.01 -33.68 22.00
CA TYR C 263 -4.78 -34.91 21.94
C TYR C 263 -5.97 -34.87 22.92
N ASN C 264 -5.72 -34.49 24.17
CA ASN C 264 -6.81 -34.45 25.13
C ASN C 264 -7.78 -33.29 24.81
N PHE C 265 -7.21 -32.15 24.39
CA PHE C 265 -8.06 -30.99 24.08
C PHE C 265 -9.05 -31.23 22.96
N ILE C 266 -8.56 -31.81 21.86
CA ILE C 266 -9.40 -31.96 20.69
C ILE C 266 -10.50 -33.04 20.93
N GLN C 267 -10.28 -33.93 21.91
CA GLN C 267 -11.35 -34.84 22.29
C GLN C 267 -12.52 -34.11 22.95
N THR C 268 -12.30 -32.89 23.42
CA THR C 268 -13.38 -32.18 24.13
C THR C 268 -14.08 -31.12 23.25
N THR C 269 -13.44 -30.67 22.16
CA THR C 269 -13.91 -29.44 21.52
C THR C 269 -15.23 -29.68 20.76
N PHE C 270 -16.10 -28.66 20.77
CA PHE C 270 -17.27 -28.60 19.88
C PHE C 270 -18.27 -29.72 20.15
N GLY C 271 -18.37 -30.15 21.40
CA GLY C 271 -19.39 -31.14 21.72
C GLY C 271 -19.04 -32.58 21.37
N ALA C 272 -17.76 -32.87 21.10
CA ALA C 272 -17.35 -34.22 20.67
C ALA C 272 -17.74 -35.29 21.68
N LEU C 273 -17.84 -34.91 22.95
CA LEU C 273 -18.21 -35.91 23.98
C LEU C 273 -19.73 -36.02 24.13
N ASN C 274 -20.43 -35.21 23.34
CA ASN C 274 -21.90 -34.98 23.33
C ASN C 274 -22.33 -33.96 24.38
C4 FER D . -3.84 23.85 -31.67
C5 FER D . -4.36 23.18 -32.81
C6 FER D . -5.29 22.20 -32.65
C3 FER D . -4.22 23.40 -30.39
C2 FER D . -5.17 22.43 -30.21
C1 FER D . -5.69 21.81 -31.33
C10 FER D . -3.86 23.47 -28.12
C7 FER D . -6.74 20.77 -31.12
C8 FER D . -7.57 20.33 -32.09
C9 FER D . -8.59 19.26 -31.72
O1 FER D . -8.70 18.79 -30.55
O2 FER D . -9.37 18.84 -32.62
O4 FER D . -2.90 24.84 -31.70
O3 FER D . -3.61 24.08 -29.38
S SO4 E . -24.21 14.00 -7.47
O1 SO4 E . -22.82 13.54 -7.17
O2 SO4 E . -24.19 15.11 -8.37
O3 SO4 E . -24.76 14.43 -6.19
O4 SO4 E . -25.10 12.96 -8.05
C1 GOL F . -5.29 16.43 -9.17
O1 GOL F . -6.37 17.17 -8.61
C2 GOL F . -4.11 17.32 -9.54
O2 GOL F . -3.73 18.03 -8.35
C3 GOL F . -2.93 16.41 -9.98
O3 GOL F . -2.30 15.82 -8.86
C1 GOL G . 5.82 11.30 -6.63
O1 GOL G . 6.60 12.33 -7.24
C2 GOL G . 5.08 10.39 -7.63
O2 GOL G . 5.96 9.65 -8.47
C3 GOL G . 4.26 9.36 -6.88
O3 GOL G . 3.65 8.52 -7.86
C1 GOL H . 10.10 19.57 -30.40
O1 GOL H . 9.94 20.45 -31.49
C2 GOL H . 11.26 18.62 -30.62
O2 GOL H . 11.91 18.47 -29.38
C3 GOL H . 10.84 17.25 -31.15
O3 GOL H . 12.00 16.54 -31.59
C1 GOL I . -23.75 7.92 -35.29
O1 GOL I . -23.78 7.78 -33.87
C2 GOL I . -23.26 6.61 -35.93
O2 GOL I . -22.11 6.11 -35.26
C3 GOL I . -23.14 6.74 -37.46
O3 GOL I . -22.85 5.47 -38.01
C1 GOL J . -13.73 13.11 -33.85
O1 GOL J . -14.43 13.95 -32.94
C2 GOL J . -13.86 13.56 -35.31
O2 GOL J . -13.57 14.94 -35.41
C3 GOL J . -13.00 12.80 -36.30
O3 GOL J . -13.41 13.18 -37.60
C4 FER K . 16.16 0.81 -8.14
C5 FER K . 14.75 0.88 -8.42
C6 FER K . 14.02 2.03 -8.18
C3 FER K . 16.85 1.91 -7.64
C2 FER K . 16.12 3.07 -7.40
C1 FER K . 14.76 3.16 -7.64
C10 FER K . 18.70 2.88 -6.65
C7 FER K . 14.07 4.43 -7.41
C8 FER K . 12.84 4.71 -7.99
C9 FER K . 12.28 6.10 -7.64
O1 FER K . 12.86 6.95 -6.87
O2 FER K . 11.21 6.40 -8.14
O4 FER K . 16.89 -0.31 -8.43
O3 FER K . 18.17 1.77 -7.34
S SO4 L . 24.07 32.49 -3.58
O1 SO4 L . 24.06 31.71 -4.82
O2 SO4 L . 25.30 33.28 -3.57
O3 SO4 L . 22.90 33.38 -3.57
O4 SO4 L . 24.12 31.62 -2.39
C1 GOL M . 10.89 -4.60 -7.17
O1 GOL M . 11.88 -4.65 -6.15
C2 GOL M . 11.62 -5.25 -8.34
O2 GOL M . 10.76 -5.57 -9.44
C3 GOL M . 12.22 -6.51 -7.74
O3 GOL M . 13.28 -6.94 -8.55
C1 GOL N . 23.20 20.68 -13.11
O1 GOL N . 23.51 21.75 -12.23
C2 GOL N . 24.33 19.68 -13.06
O2 GOL N . 24.68 19.58 -11.71
C3 GOL N . 23.76 18.36 -13.53
O3 GOL N . 22.98 18.71 -14.63
C1 GOL O . 12.01 15.40 -13.67
O1 GOL O . 10.64 15.12 -13.95
C2 GOL O . 12.69 15.92 -14.93
O2 GOL O . 14.04 15.44 -14.97
C3 GOL O . 12.70 17.44 -14.91
O3 GOL O . 13.99 17.91 -14.53
C4 FER P . 9.86 -16.45 29.83
C5 FER P . 10.42 -17.71 29.52
C6 FER P . 9.92 -18.41 28.45
C3 FER P . 8.84 -15.91 29.07
C2 FER P . 8.35 -16.53 27.97
C1 FER P . 8.89 -17.79 27.69
C10 FER P . 7.16 -14.21 28.85
C7 FER P . 8.38 -18.53 26.50
C8 FER P . 8.97 -19.58 25.91
C9 FER P . 8.27 -20.21 24.66
O1 FER P . 8.69 -21.28 24.13
O2 FER P . 7.18 -19.67 24.18
O4 FER P . 10.34 -15.71 30.89
O3 FER P . 8.39 -14.64 29.47
S SO4 Q . -7.47 -8.40 2.88
O1 SO4 Q . -7.85 -7.16 2.17
O2 SO4 Q . -6.09 -8.33 3.27
O3 SO4 Q . -8.44 -8.46 3.99
O4 SO4 Q . -7.51 -9.56 1.98
C1 GOL R . 8.60 -28.06 20.64
O1 GOL R . 9.96 -28.40 20.82
C2 GOL R . 8.44 -26.62 20.17
O2 GOL R . 9.67 -26.22 19.69
C3 GOL R . 7.42 -26.45 19.04
O3 GOL R . 7.29 -25.11 18.61
C1 GOL S . 5.17 -9.57 32.43
O1 GOL S . 3.85 -10.10 32.58
C2 GOL S . 5.81 -10.14 31.19
O2 GOL S . 5.73 -11.58 31.22
C3 GOL S . 7.27 -9.73 31.14
O3 GOL S . 7.36 -8.30 30.99
C1 GOL T . 13.14 -20.73 36.24
O1 GOL T . 13.18 -19.39 36.62
C2 GOL T . 12.33 -20.91 34.97
O2 GOL T . 10.96 -21.17 35.18
C3 GOL T . 13.00 -22.00 34.18
O3 GOL T . 12.44 -23.25 34.47
#